data_3IVM
#
_entry.id   3IVM
#
_cell.length_a   61.864
_cell.length_b   93.630
_cell.length_c   152.062
_cell.angle_alpha   90.00
_cell.angle_beta   90.00
_cell.angle_gamma   90.00
#
_symmetry.space_group_name_H-M   'P 21 21 21'
#
loop_
_entity.id
_entity.type
_entity.pdbx_description
1 polymer 'prolyl endopeptidase'
2 non-polymer N-BENZYLOXYCARBONYL-L-PROLYL-L-PROLINAL
3 water water
#
_entity_poly.entity_id   1
_entity_poly.type   'polypeptide(L)'
_entity_poly.pdbx_seq_one_letter_code
;GSH(MSE)SGKARLHYPVTRQGEQVDHYFGQAVADPYRWLEDDRSPETEAWVKAQNAVTQDYLAQIPYRAAIKEKLAASW
NYAKEGAPFREGRYHYFFKNDGLQNQNVLWRQQEGKPAEVFLDPNTLSPDGTTALDQLSFSRDGRILAYSLSLAGSDWRE
IHL(MSE)DVESKQPLETPLKDVKFSGISWLGNEGFFYSSYDKPDGSELSARTDQHKVYFHRLGTAQEDDRLVFGAIPAQ
HHRYVGATVTEDDRFLLISAANSTSGNRLYVKDLSQENAPLLTVQGDLDADVSLVDNKGSTLYLLTNRDAPNRRLVTVDA
ANPGPAHWRDLIPERQQVLTVHSGSGYLFAEY(MSE)VDATARVEQFDYEGKRVREVALPGLGSVSGFNGKHDDPALYFG
FENYAQPPTLYRFEPKSGAISLYRASAAPFKPEDYVSEQRFYQSKDGTRVPLIISYRKGLKLDGSNPTILYGYGGFDVSL
TPSFSVSVANWLDLGGVYAVANLRGGGEYGQAWHLAGTQQNKQNVFDDFIAAAEYLKAEGYTRTDRLAIRGGSNGGLLVG
AV(MSE)TQRPDL(MSE)RVALPAVGVLD(MSE)LRYHTFTAGTGWAYDYGTSADSEA(MSE)FDYLKGYSPLHNVRPGV
SYPST(MSE)VTTADHDDRVVPAHSFKFAATLQADNAGPHPQLIRIETNAGHGAGTPVAKLIEQSADIYAFTLYE(MSE)
GYRELPRQP
;
_entity_poly.pdbx_strand_id   A
#
loop_
_chem_comp.id
_chem_comp.type
_chem_comp.name
_chem_comp.formula
ZPR peptide-like N-BENZYLOXYCARBONYL-L-PROLYL-L-PROLINAL 'C18 H22 N2 O4'
#
# COMPACT_ATOMS: atom_id res chain seq x y z
N LEU A 10 30.44 -18.88 0.30
CA LEU A 10 29.25 -18.24 -0.33
C LEU A 10 29.18 -18.56 -1.83
N HIS A 11 29.77 -17.70 -2.66
CA HIS A 11 29.77 -17.88 -4.11
C HIS A 11 28.43 -17.65 -4.79
N TYR A 12 28.29 -16.48 -5.39
CA TYR A 12 27.06 -16.11 -6.08
C TYR A 12 26.98 -16.82 -7.43
N PRO A 13 25.76 -16.88 -8.01
CA PRO A 13 25.60 -17.51 -9.32
C PRO A 13 26.23 -16.56 -10.30
N VAL A 14 26.92 -17.08 -11.30
CA VAL A 14 27.54 -16.21 -12.29
C VAL A 14 26.41 -15.49 -13.04
N THR A 15 26.60 -14.20 -13.28
CA THR A 15 25.60 -13.41 -14.00
C THR A 15 26.33 -12.75 -15.17
N ARG A 16 26.07 -13.25 -16.37
CA ARG A 16 26.73 -12.70 -17.55
C ARG A 16 26.31 -11.26 -17.79
N GLN A 17 27.23 -10.50 -18.36
CA GLN A 17 27.02 -9.09 -18.66
C GLN A 17 26.88 -8.91 -20.16
N GLY A 18 25.80 -8.26 -20.59
CA GLY A 18 25.57 -8.02 -22.00
C GLY A 18 26.19 -6.72 -22.50
N GLU A 19 25.98 -6.40 -23.78
CA GLU A 19 26.53 -5.20 -24.38
C GLU A 19 25.52 -4.07 -24.54
N GLN A 20 24.34 -4.22 -23.96
CA GLN A 20 23.33 -3.17 -24.08
C GLN A 20 23.85 -1.83 -23.57
N VAL A 21 23.60 -0.78 -24.33
CA VAL A 21 24.00 0.56 -23.94
C VAL A 21 22.89 1.51 -24.37
N ASP A 22 22.31 2.22 -23.41
CA ASP A 22 21.23 3.16 -23.73
C ASP A 22 21.79 4.57 -23.76
N HIS A 23 21.11 5.45 -24.48
CA HIS A 23 21.53 6.84 -24.55
C HIS A 23 20.42 7.78 -24.10
N TYR A 24 20.82 8.74 -23.30
CA TYR A 24 19.92 9.74 -22.74
C TYR A 24 20.55 11.11 -22.95
N PHE A 25 19.97 11.90 -23.86
CA PHE A 25 20.46 13.23 -24.17
C PHE A 25 21.95 13.23 -24.49
N GLY A 26 22.34 12.30 -25.35
CA GLY A 26 23.74 12.21 -25.75
C GLY A 26 24.60 11.42 -24.81
N GLN A 27 24.12 11.21 -23.59
CA GLN A 27 24.87 10.45 -22.60
C GLN A 27 24.64 8.94 -22.73
N ALA A 28 25.73 8.20 -22.86
CA ALA A 28 25.67 6.76 -22.99
C ALA A 28 25.71 6.07 -21.63
N VAL A 29 24.81 5.11 -21.44
CA VAL A 29 24.71 4.33 -20.20
C VAL A 29 24.67 2.82 -20.46
N ALA A 30 25.62 2.11 -19.90
CA ALA A 30 25.72 0.65 -20.06
C ALA A 30 24.76 -0.09 -19.13
N ASP A 31 24.01 -1.02 -19.70
CA ASP A 31 23.06 -1.81 -18.91
C ASP A 31 23.31 -3.31 -19.16
N PRO A 32 24.42 -3.83 -18.63
CA PRO A 32 24.84 -5.24 -18.74
C PRO A 32 23.83 -6.31 -18.34
N TYR A 33 22.92 -6.02 -17.42
CA TYR A 33 21.93 -6.99 -16.96
C TYR A 33 20.56 -6.76 -17.56
N ARG A 34 20.54 -6.14 -18.73
CA ARG A 34 19.31 -5.85 -19.46
C ARG A 34 18.46 -7.10 -19.75
N TRP A 35 19.12 -8.22 -20.03
CA TRP A 35 18.42 -9.47 -20.34
C TRP A 35 17.57 -9.95 -19.17
N LEU A 36 17.92 -9.54 -17.95
CA LEU A 36 17.17 -9.93 -16.77
C LEU A 36 15.77 -9.27 -16.74
N GLU A 37 15.54 -8.29 -17.62
CA GLU A 37 14.22 -7.64 -17.68
C GLU A 37 13.24 -8.58 -18.40
N ASP A 38 13.76 -9.61 -19.07
CA ASP A 38 12.88 -10.55 -19.78
C ASP A 38 12.37 -11.60 -18.80
N ASP A 39 11.17 -11.37 -18.27
CA ASP A 39 10.59 -12.28 -17.30
C ASP A 39 10.06 -13.60 -17.89
N ARG A 40 10.25 -13.81 -19.18
CA ARG A 40 9.76 -15.03 -19.79
C ARG A 40 10.87 -15.92 -20.35
N SER A 41 12.12 -15.49 -20.23
CA SER A 41 13.22 -16.27 -20.78
C SER A 41 13.76 -17.37 -19.87
N PRO A 42 14.29 -18.45 -20.46
CA PRO A 42 14.85 -19.56 -19.71
C PRO A 42 16.03 -19.12 -18.84
N GLU A 43 16.85 -18.21 -19.36
CA GLU A 43 18.01 -17.73 -18.64
C GLU A 43 17.63 -17.03 -17.32
N THR A 44 16.61 -16.20 -17.38
CA THR A 44 16.16 -15.47 -16.21
C THR A 44 15.60 -16.42 -15.16
N GLU A 45 14.78 -17.36 -15.61
CA GLU A 45 14.19 -18.33 -14.69
C GLU A 45 15.27 -19.15 -14.00
N ALA A 46 16.27 -19.57 -14.77
CA ALA A 46 17.36 -20.34 -14.20
C ALA A 46 18.14 -19.47 -13.22
N TRP A 47 18.26 -18.18 -13.53
CA TRP A 47 18.99 -17.25 -12.69
C TRP A 47 18.30 -17.10 -11.34
N VAL A 48 16.99 -16.83 -11.37
CA VAL A 48 16.19 -16.69 -10.16
C VAL A 48 16.39 -17.93 -9.26
N LYS A 49 16.28 -19.10 -9.89
CA LYS A 49 16.43 -20.36 -9.16
C LYS A 49 17.79 -20.49 -8.49
N ALA A 50 18.86 -20.13 -9.22
CA ALA A 50 20.20 -20.22 -8.65
C ALA A 50 20.32 -19.28 -7.45
N GLN A 51 19.85 -18.06 -7.65
CA GLN A 51 19.90 -17.03 -6.61
C GLN A 51 19.14 -17.44 -5.35
N ASN A 52 17.91 -17.91 -5.51
CA ASN A 52 17.15 -18.35 -4.35
C ASN A 52 17.93 -19.46 -3.68
N ALA A 53 18.53 -20.31 -4.49
CA ALA A 53 19.31 -21.43 -3.97
C ALA A 53 20.45 -20.96 -3.09
N VAL A 54 21.21 -19.97 -3.55
CA VAL A 54 22.31 -19.46 -2.76
C VAL A 54 21.83 -18.77 -1.48
N THR A 55 20.72 -18.05 -1.57
CA THR A 55 20.15 -17.37 -0.40
C THR A 55 19.73 -18.39 0.67
N GLN A 56 18.97 -19.40 0.27
CA GLN A 56 18.53 -20.41 1.21
C GLN A 56 19.72 -21.13 1.84
N ASP A 57 20.79 -21.33 1.07
CA ASP A 57 21.98 -21.99 1.61
C ASP A 57 22.67 -21.09 2.62
N TYR A 58 22.63 -19.78 2.40
CA TYR A 58 23.27 -18.86 3.34
C TYR A 58 22.46 -18.85 4.63
N LEU A 59 21.13 -18.77 4.48
CA LEU A 59 20.21 -18.74 5.61
C LEU A 59 20.29 -20.04 6.42
N ALA A 60 20.49 -21.15 5.72
CA ALA A 60 20.57 -22.44 6.39
C ALA A 60 21.71 -22.43 7.40
N GLN A 61 22.64 -21.48 7.27
CA GLN A 61 23.76 -21.43 8.20
C GLN A 61 23.42 -20.73 9.54
N ILE A 62 22.22 -20.16 9.63
CA ILE A 62 21.81 -19.46 10.85
C ILE A 62 21.11 -20.43 11.80
N PRO A 63 21.74 -20.73 12.95
CA PRO A 63 21.27 -21.64 14.00
C PRO A 63 19.85 -21.43 14.52
N TYR A 64 19.53 -20.20 14.86
CA TYR A 64 18.21 -19.87 15.42
C TYR A 64 17.13 -19.49 14.43
N ARG A 65 17.42 -19.63 13.15
CA ARG A 65 16.43 -19.31 12.13
C ARG A 65 15.11 -20.01 12.45
N ALA A 66 15.19 -21.32 12.69
CA ALA A 66 13.99 -22.12 12.99
C ALA A 66 13.27 -21.67 14.25
N ALA A 67 14.02 -21.33 15.30
CA ALA A 67 13.41 -20.87 16.54
C ALA A 67 12.61 -19.59 16.25
N ILE A 68 13.19 -18.70 15.43
CA ILE A 68 12.50 -17.47 15.10
C ILE A 68 11.21 -17.76 14.33
N LYS A 69 11.27 -18.64 13.34
CA LYS A 69 10.05 -18.94 12.59
C LYS A 69 8.99 -19.54 13.52
N GLU A 70 9.42 -20.45 14.37
CA GLU A 70 8.55 -21.11 15.34
C GLU A 70 7.84 -20.06 16.22
N LYS A 71 8.63 -19.08 16.68
CA LYS A 71 8.11 -18.01 17.54
C LYS A 71 7.07 -17.17 16.79
N LEU A 72 7.37 -16.83 15.54
CA LEU A 72 6.46 -16.03 14.74
C LEU A 72 5.11 -16.71 14.53
N ALA A 73 5.17 -17.94 14.04
CA ALA A 73 3.96 -18.71 13.78
C ALA A 73 3.11 -18.85 15.03
N ALA A 74 3.76 -19.11 16.17
CA ALA A 74 3.04 -19.27 17.43
C ALA A 74 2.33 -18.03 17.93
N SER A 75 2.97 -16.88 17.80
CA SER A 75 2.37 -15.64 18.26
C SER A 75 1.35 -15.13 17.25
N TRP A 76 1.47 -15.59 16.01
CA TRP A 76 0.54 -15.18 14.95
C TRP A 76 -0.74 -16.01 15.07
N ASN A 77 -0.61 -17.19 15.64
CA ASN A 77 -1.72 -18.10 15.77
C ASN A 77 -2.76 -17.77 16.82
N TYR A 78 -3.63 -16.81 16.51
CA TYR A 78 -4.74 -16.44 17.41
C TYR A 78 -5.89 -16.00 16.52
N ALA A 79 -7.10 -16.21 17.02
CA ALA A 79 -8.32 -15.88 16.29
C ALA A 79 -8.47 -14.37 16.05
N LYS A 80 -8.80 -14.02 14.81
CA LYS A 80 -8.99 -12.63 14.40
C LYS A 80 -10.37 -12.50 13.78
N GLU A 81 -11.05 -11.39 14.05
CA GLU A 81 -12.39 -11.21 13.50
C GLU A 81 -12.63 -9.78 13.09
N GLY A 82 -13.27 -9.60 11.94
CA GLY A 82 -13.55 -8.25 11.47
C GLY A 82 -14.91 -7.78 11.96
N ALA A 83 -15.27 -6.55 11.64
CA ALA A 83 -16.56 -6.02 12.05
C ALA A 83 -17.66 -6.52 11.10
N PRO A 84 -18.86 -6.73 11.66
CA PRO A 84 -20.02 -7.22 10.89
C PRO A 84 -20.65 -6.15 10.01
N PHE A 85 -21.29 -6.59 8.93
CA PHE A 85 -22.00 -5.70 8.02
C PHE A 85 -23.20 -6.42 7.46
N ARG A 86 -24.34 -5.74 7.47
CA ARG A 86 -25.59 -6.30 7.02
C ARG A 86 -25.82 -6.22 5.51
N GLU A 87 -26.43 -7.28 4.97
CA GLU A 87 -26.77 -7.42 3.56
C GLU A 87 -27.91 -8.41 3.57
N GLY A 88 -29.15 -7.94 3.41
CA GLY A 88 -30.28 -8.84 3.45
C GLY A 88 -30.46 -9.28 4.89
N ARG A 89 -30.93 -10.51 5.11
CA ARG A 89 -31.13 -11.01 6.47
C ARG A 89 -29.88 -11.63 7.07
N TYR A 90 -28.73 -11.32 6.47
CA TYR A 90 -27.45 -11.86 6.96
C TYR A 90 -26.45 -10.78 7.32
N HIS A 91 -25.71 -11.02 8.40
CA HIS A 91 -24.66 -10.11 8.79
C HIS A 91 -23.43 -10.86 8.32
N TYR A 92 -22.52 -10.17 7.67
CA TYR A 92 -21.30 -10.77 7.15
C TYR A 92 -20.08 -10.38 7.98
N PHE A 93 -19.10 -11.27 8.06
CA PHE A 93 -17.90 -10.93 8.82
C PHE A 93 -16.71 -11.82 8.52
N PHE A 94 -15.55 -11.18 8.41
CA PHE A 94 -14.32 -11.90 8.14
C PHE A 94 -13.74 -12.46 9.44
N LYS A 95 -13.17 -13.66 9.33
CA LYS A 95 -12.54 -14.33 10.46
C LYS A 95 -11.33 -15.13 10.00
N ASN A 96 -10.44 -15.42 10.94
CA ASN A 96 -9.28 -16.26 10.67
C ASN A 96 -9.00 -17.08 11.92
N ASP A 97 -9.12 -18.39 11.78
CA ASP A 97 -8.89 -19.30 12.92
C ASP A 97 -7.54 -19.01 13.59
N GLY A 98 -6.63 -18.38 12.86
CA GLY A 98 -5.32 -18.08 13.42
C GLY A 98 -4.22 -18.09 12.38
N LEU A 99 -4.08 -19.21 11.67
CA LEU A 99 -3.05 -19.32 10.64
C LEU A 99 -3.61 -19.74 9.30
N GLN A 100 -4.83 -19.31 8.99
CA GLN A 100 -5.42 -19.63 7.70
C GLN A 100 -4.74 -18.68 6.73
N ASN A 101 -4.25 -19.22 5.63
CA ASN A 101 -3.54 -18.41 4.64
C ASN A 101 -4.34 -17.17 4.24
N GLN A 102 -5.66 -17.30 4.17
CA GLN A 102 -6.50 -16.16 3.79
C GLN A 102 -7.70 -16.05 4.71
N ASN A 103 -8.17 -14.83 4.96
CA ASN A 103 -9.33 -14.65 5.83
C ASN A 103 -10.56 -15.19 5.15
N VAL A 104 -11.44 -15.76 5.95
CA VAL A 104 -12.67 -16.36 5.46
C VAL A 104 -13.87 -15.46 5.77
N LEU A 105 -14.75 -15.33 4.79
CA LEU A 105 -15.93 -14.51 4.98
C LEU A 105 -17.07 -15.42 5.46
N TRP A 106 -17.54 -15.14 6.67
CA TRP A 106 -18.64 -15.88 7.30
C TRP A 106 -19.88 -15.00 7.22
N ARG A 107 -21.02 -15.60 7.51
CA ARG A 107 -22.27 -14.85 7.56
C ARG A 107 -23.16 -15.58 8.54
N GLN A 108 -24.14 -14.88 9.07
CA GLN A 108 -25.04 -15.49 10.03
C GLN A 108 -26.41 -14.83 10.00
N GLN A 109 -27.45 -15.65 10.10
CA GLN A 109 -28.81 -15.13 10.11
C GLN A 109 -29.42 -15.43 11.48
N GLU A 110 -30.44 -14.65 11.82
CA GLU A 110 -31.14 -14.78 13.09
C GLU A 110 -31.65 -16.21 13.32
N GLY A 111 -31.34 -16.74 14.50
CA GLY A 111 -31.78 -18.08 14.85
C GLY A 111 -30.98 -19.23 14.25
N LYS A 112 -29.82 -18.96 13.68
CA LYS A 112 -28.99 -20.02 13.10
C LYS A 112 -27.51 -19.81 13.42
N PRO A 113 -26.71 -20.89 13.39
CA PRO A 113 -25.28 -20.75 13.68
C PRO A 113 -24.54 -20.14 12.49
N ALA A 114 -23.50 -19.36 12.77
CA ALA A 114 -22.71 -18.73 11.71
C ALA A 114 -22.25 -19.77 10.71
N GLU A 115 -22.14 -19.37 9.45
CA GLU A 115 -21.70 -20.30 8.40
C GLU A 115 -20.64 -19.66 7.50
N VAL A 116 -19.80 -20.50 6.91
CA VAL A 116 -18.77 -20.03 6.00
C VAL A 116 -19.51 -19.63 4.73
N PHE A 117 -19.23 -18.42 4.23
CA PHE A 117 -19.89 -17.93 3.03
C PHE A 117 -18.98 -17.92 1.81
N LEU A 118 -17.78 -17.36 1.98
CA LEU A 118 -16.80 -17.30 0.91
C LEU A 118 -15.44 -17.59 1.52
N ASP A 119 -14.91 -18.77 1.22
CA ASP A 119 -13.62 -19.18 1.76
C ASP A 119 -12.57 -19.29 0.68
N PRO A 120 -11.80 -18.22 0.49
CA PRO A 120 -10.71 -18.12 -0.51
C PRO A 120 -9.71 -19.26 -0.45
N ASN A 121 -9.54 -19.84 0.73
CA ASN A 121 -8.58 -20.92 0.91
C ASN A 121 -8.86 -22.13 0.04
N THR A 122 -10.12 -22.31 -0.32
CA THR A 122 -10.53 -23.45 -1.14
C THR A 122 -10.17 -23.24 -2.61
N LEU A 123 -9.78 -22.03 -2.98
CA LEU A 123 -9.47 -21.74 -4.37
C LEU A 123 -8.06 -22.05 -4.84
N SER A 124 -7.13 -22.24 -3.91
CA SER A 124 -5.75 -22.52 -4.28
C SER A 124 -5.10 -23.47 -3.31
N PRO A 125 -4.12 -24.26 -3.79
CA PRO A 125 -3.40 -25.22 -2.94
C PRO A 125 -2.68 -24.54 -1.78
N ASP A 126 -1.92 -23.49 -2.10
CA ASP A 126 -1.17 -22.76 -1.09
C ASP A 126 -1.80 -21.41 -0.72
N GLY A 127 -3.09 -21.27 -0.98
CA GLY A 127 -3.79 -20.04 -0.66
C GLY A 127 -3.22 -18.78 -1.31
N THR A 128 -2.67 -18.91 -2.51
CA THR A 128 -2.12 -17.74 -3.18
C THR A 128 -3.16 -16.93 -3.95
N THR A 129 -4.41 -17.40 -3.95
CA THR A 129 -5.49 -16.66 -4.61
C THR A 129 -6.16 -15.84 -3.51
N ALA A 130 -6.34 -14.55 -3.76
CA ALA A 130 -6.92 -13.68 -2.75
C ALA A 130 -8.16 -12.88 -3.17
N LEU A 131 -9.01 -12.59 -2.20
CA LEU A 131 -10.21 -11.81 -2.43
C LEU A 131 -9.88 -10.34 -2.23
N ASP A 132 -10.15 -9.50 -3.22
CA ASP A 132 -9.86 -8.07 -3.07
C ASP A 132 -11.13 -7.27 -2.80
N GLN A 133 -11.87 -6.94 -3.85
CA GLN A 133 -13.10 -6.17 -3.69
C GLN A 133 -14.29 -7.10 -3.56
N LEU A 134 -15.30 -6.62 -2.84
CA LEU A 134 -16.55 -7.34 -2.68
C LEU A 134 -17.63 -6.28 -2.68
N SER A 135 -18.60 -6.45 -3.56
CA SER A 135 -19.68 -5.47 -3.66
C SER A 135 -21.01 -6.17 -3.91
N PHE A 136 -21.90 -6.07 -2.93
CA PHE A 136 -23.24 -6.68 -3.03
C PHE A 136 -24.13 -5.75 -3.82
N SER A 137 -25.10 -6.31 -4.54
CA SER A 137 -26.07 -5.50 -5.27
C SER A 137 -26.82 -4.69 -4.22
N ARG A 138 -27.51 -3.64 -4.65
CA ARG A 138 -28.25 -2.79 -3.71
C ARG A 138 -29.12 -3.62 -2.76
N ASP A 139 -29.85 -4.58 -3.30
CA ASP A 139 -30.72 -5.44 -2.48
C ASP A 139 -29.97 -6.54 -1.73
N GLY A 140 -28.67 -6.65 -1.98
CA GLY A 140 -27.88 -7.66 -1.30
C GLY A 140 -28.10 -9.09 -1.74
N ARG A 141 -28.75 -9.29 -2.89
CA ARG A 141 -29.00 -10.65 -3.37
C ARG A 141 -27.90 -11.17 -4.29
N ILE A 142 -27.16 -10.27 -4.92
CA ILE A 142 -26.09 -10.67 -5.82
C ILE A 142 -24.79 -10.09 -5.31
N LEU A 143 -23.73 -10.88 -5.37
CA LEU A 143 -22.43 -10.40 -4.93
C LEU A 143 -21.41 -10.44 -6.05
N ALA A 144 -20.73 -9.32 -6.27
CA ALA A 144 -19.67 -9.27 -7.27
C ALA A 144 -18.43 -9.12 -6.42
N TYR A 145 -17.41 -9.89 -6.73
CA TYR A 145 -16.18 -9.80 -5.97
C TYR A 145 -14.98 -10.11 -6.86
N SER A 146 -13.88 -9.43 -6.60
CA SER A 146 -12.68 -9.62 -7.42
C SER A 146 -11.62 -10.47 -6.76
N LEU A 147 -10.98 -11.32 -7.55
CA LEU A 147 -9.94 -12.20 -7.05
C LEU A 147 -8.62 -11.95 -7.73
N SER A 148 -7.56 -12.14 -6.97
CA SER A 148 -6.20 -11.96 -7.43
C SER A 148 -5.57 -13.33 -7.46
N LEU A 149 -4.88 -13.63 -8.54
CA LEU A 149 -4.20 -14.90 -8.70
C LEU A 149 -2.70 -14.67 -8.57
N ALA A 150 -2.08 -15.42 -7.67
CA ALA A 150 -0.65 -15.34 -7.43
C ALA A 150 -0.11 -13.95 -7.10
N GLY A 151 -0.94 -13.10 -6.49
CA GLY A 151 -0.50 -11.77 -6.10
C GLY A 151 -0.42 -10.65 -7.13
N SER A 152 -0.91 -10.92 -8.33
CA SER A 152 -0.89 -9.96 -9.43
C SER A 152 -1.93 -8.84 -9.29
N ASP A 153 -1.66 -7.70 -9.94
CA ASP A 153 -2.60 -6.58 -9.93
C ASP A 153 -3.79 -6.89 -10.86
N TRP A 154 -3.70 -7.94 -11.66
CA TRP A 154 -4.83 -8.27 -12.52
C TRP A 154 -5.92 -8.89 -11.67
N ARG A 155 -7.14 -8.88 -12.19
CA ARG A 155 -8.28 -9.39 -11.45
C ARG A 155 -9.36 -10.00 -12.33
N GLU A 156 -10.22 -10.79 -11.69
CA GLU A 156 -11.37 -11.38 -12.33
C GLU A 156 -12.49 -11.03 -11.39
N ILE A 157 -13.62 -10.62 -11.94
CA ILE A 157 -14.78 -10.30 -11.10
C ILE A 157 -15.76 -11.45 -11.22
N HIS A 158 -16.03 -12.09 -10.11
CA HIS A 158 -16.94 -13.22 -10.08
C HIS A 158 -18.31 -12.72 -9.63
N LEU A 159 -19.36 -13.43 -10.02
CA LEU A 159 -20.72 -13.07 -9.62
C LEU A 159 -21.40 -14.28 -9.00
N MSE A 160 -21.79 -14.14 -7.74
CA MSE A 160 -22.44 -15.21 -7.00
C MSE A 160 -23.87 -14.84 -6.54
O MSE A 160 -24.14 -13.70 -6.16
CB MSE A 160 -21.54 -15.55 -5.80
CG MSE A 160 -22.05 -16.63 -4.86
SE MSE A 160 -21.30 -16.33 -3.07
CE MSE A 160 -19.58 -17.24 -3.30
N ASP A 161 -24.77 -15.82 -6.60
CA ASP A 161 -26.15 -15.63 -6.13
C ASP A 161 -25.91 -15.81 -4.62
N VAL A 162 -26.15 -14.78 -3.83
CA VAL A 162 -25.87 -14.84 -2.38
C VAL A 162 -26.62 -15.90 -1.62
N GLU A 163 -27.87 -16.10 -1.99
CA GLU A 163 -28.72 -17.07 -1.31
C GLU A 163 -28.16 -18.48 -1.40
N SER A 164 -27.90 -18.95 -2.62
CA SER A 164 -27.40 -20.31 -2.82
C SER A 164 -25.88 -20.40 -2.78
N LYS A 165 -25.21 -19.27 -2.89
CA LYS A 165 -23.75 -19.24 -2.86
C LYS A 165 -23.11 -19.91 -4.08
N GLN A 166 -23.87 -20.03 -5.18
CA GLN A 166 -23.39 -20.64 -6.41
C GLN A 166 -23.14 -19.57 -7.47
N PRO A 167 -22.21 -19.82 -8.40
CA PRO A 167 -21.92 -18.83 -9.46
C PRO A 167 -23.15 -18.45 -10.25
N LEU A 168 -23.27 -17.16 -10.54
CA LEU A 168 -24.39 -16.67 -11.33
C LEU A 168 -23.95 -16.61 -12.80
N GLU A 169 -22.84 -15.93 -13.07
CA GLU A 169 -22.35 -15.81 -14.43
C GLU A 169 -20.88 -16.18 -14.55
N THR A 170 -20.38 -16.23 -15.79
CA THR A 170 -18.98 -16.55 -15.96
C THR A 170 -18.24 -15.30 -15.45
N PRO A 171 -17.04 -15.47 -14.86
CA PRO A 171 -16.34 -14.28 -14.37
C PRO A 171 -15.87 -13.28 -15.42
N LEU A 172 -15.83 -11.99 -15.04
CA LEU A 172 -15.37 -10.94 -15.94
C LEU A 172 -13.84 -10.94 -15.90
N LYS A 173 -13.22 -10.82 -17.06
CA LYS A 173 -11.77 -10.86 -17.14
C LYS A 173 -11.12 -9.53 -17.50
N ASP A 174 -9.79 -9.48 -17.38
CA ASP A 174 -8.98 -8.30 -17.71
C ASP A 174 -9.29 -7.06 -16.86
N VAL A 175 -9.67 -7.28 -15.62
CA VAL A 175 -9.98 -6.18 -14.72
C VAL A 175 -8.69 -5.80 -14.00
N LYS A 176 -8.54 -4.53 -13.63
CA LYS A 176 -7.34 -4.10 -12.92
C LYS A 176 -7.56 -2.72 -12.34
N PHE A 177 -7.01 -2.47 -11.16
CA PHE A 177 -7.14 -1.18 -10.46
C PHE A 177 -8.60 -0.78 -10.62
N SER A 178 -9.49 -1.64 -10.14
CA SER A 178 -10.90 -1.40 -10.33
C SER A 178 -11.79 -1.48 -9.11
N GLY A 179 -12.84 -0.67 -9.13
CA GLY A 179 -13.81 -0.72 -8.06
C GLY A 179 -14.90 -1.59 -8.66
N ILE A 180 -16.01 -1.72 -7.94
CA ILE A 180 -17.17 -2.46 -8.39
C ILE A 180 -18.28 -1.64 -7.76
N SER A 181 -19.03 -0.91 -8.58
CA SER A 181 -20.08 -0.06 -8.01
C SER A 181 -21.37 -0.30 -8.73
N TRP A 182 -22.32 -0.85 -7.99
CA TRP A 182 -23.62 -1.18 -8.53
C TRP A 182 -24.54 0.00 -8.76
N LEU A 183 -25.34 -0.14 -9.82
CA LEU A 183 -26.34 0.83 -10.13
C LEU A 183 -27.56 0.02 -9.72
N GLY A 184 -28.05 0.25 -8.51
CA GLY A 184 -29.19 -0.50 -8.05
C GLY A 184 -28.90 -2.00 -8.13
N ASN A 185 -29.75 -2.72 -8.86
CA ASN A 185 -29.59 -4.17 -9.02
C ASN A 185 -29.49 -4.52 -10.51
N GLU A 186 -29.23 -3.54 -11.35
CA GLU A 186 -29.12 -3.78 -12.80
C GLU A 186 -27.76 -4.33 -13.20
N GLY A 187 -26.73 -3.88 -12.49
CA GLY A 187 -25.39 -4.32 -12.81
C GLY A 187 -24.41 -3.37 -12.16
N PHE A 188 -23.15 -3.41 -12.61
CA PHE A 188 -22.15 -2.56 -11.98
C PHE A 188 -21.07 -2.02 -12.94
N PHE A 189 -20.37 -0.99 -12.49
CA PHE A 189 -19.30 -0.38 -13.29
C PHE A 189 -17.99 -0.90 -12.72
N TYR A 190 -17.03 -1.08 -13.61
CA TYR A 190 -15.71 -1.56 -13.23
C TYR A 190 -14.71 -0.98 -14.24
N SER A 191 -13.42 -1.16 -13.98
CA SER A 191 -12.39 -0.64 -14.86
C SER A 191 -11.56 -1.79 -15.43
N SER A 192 -11.09 -1.61 -16.66
CA SER A 192 -10.28 -2.61 -17.36
C SER A 192 -9.33 -1.95 -18.34
N TYR A 193 -8.26 -2.68 -18.69
CA TYR A 193 -7.24 -2.18 -19.61
C TYR A 193 -7.31 -2.80 -21.01
N ASP A 194 -7.01 -4.08 -21.08
CA ASP A 194 -6.96 -4.86 -22.32
C ASP A 194 -5.64 -5.61 -22.24
N LYS A 195 -5.68 -6.93 -22.36
CA LYS A 195 -4.47 -7.74 -22.30
C LYS A 195 -3.43 -7.22 -23.29
N PRO A 196 -2.28 -6.76 -22.77
CA PRO A 196 -1.21 -6.25 -23.63
C PRO A 196 -0.55 -7.41 -24.39
N ASP A 197 0.12 -7.08 -25.49
CA ASP A 197 0.83 -8.10 -26.26
C ASP A 197 2.19 -8.26 -25.58
N GLY A 198 2.39 -9.42 -24.97
CA GLY A 198 3.62 -9.70 -24.26
C GLY A 198 3.24 -10.12 -22.85
N SER A 199 4.20 -10.09 -21.93
CA SER A 199 3.93 -10.46 -20.55
C SER A 199 3.00 -9.44 -19.90
N GLU A 200 1.89 -9.91 -19.36
CA GLU A 200 0.95 -9.00 -18.69
C GLU A 200 1.50 -8.60 -17.33
N LEU A 201 2.71 -9.09 -17.01
CA LEU A 201 3.35 -8.79 -15.74
C LEU A 201 4.50 -7.79 -15.87
N SER A 202 4.67 -7.21 -17.06
CA SER A 202 5.72 -6.22 -17.29
C SER A 202 5.42 -5.21 -18.41
N ALA A 203 4.64 -5.62 -19.41
CA ALA A 203 4.29 -4.72 -20.53
C ALA A 203 3.45 -3.51 -20.10
N ARG A 204 3.72 -2.37 -20.73
CA ARG A 204 3.03 -1.11 -20.43
C ARG A 204 1.53 -1.07 -20.78
N THR A 205 0.75 -0.54 -19.86
CA THR A 205 -0.70 -0.39 -20.03
C THR A 205 -1.05 1.03 -19.62
N ASP A 206 -1.71 1.77 -20.50
CA ASP A 206 -2.05 3.15 -20.16
C ASP A 206 -3.42 3.69 -20.56
N GLN A 207 -4.25 2.89 -21.21
CA GLN A 207 -5.59 3.36 -21.58
C GLN A 207 -6.68 2.66 -20.78
N HIS A 208 -6.77 3.01 -19.49
CA HIS A 208 -7.76 2.42 -18.60
C HIS A 208 -9.17 2.79 -19.05
N LYS A 209 -10.09 1.84 -18.94
CA LYS A 209 -11.46 2.09 -19.36
C LYS A 209 -12.54 1.71 -18.35
N VAL A 210 -13.62 2.47 -18.34
CA VAL A 210 -14.76 2.19 -17.47
C VAL A 210 -15.86 1.50 -18.28
N TYR A 211 -16.25 0.31 -17.81
CA TYR A 211 -17.30 -0.49 -18.43
C TYR A 211 -18.48 -0.67 -17.47
N PHE A 212 -19.64 -0.95 -18.03
CA PHE A 212 -20.78 -1.23 -17.20
C PHE A 212 -21.24 -2.63 -17.54
N HIS A 213 -21.18 -3.54 -16.59
CA HIS A 213 -21.61 -4.91 -16.86
C HIS A 213 -23.04 -5.08 -16.39
N ARG A 214 -23.93 -5.35 -17.34
CA ARG A 214 -25.34 -5.56 -17.02
C ARG A 214 -25.58 -7.04 -16.73
N LEU A 215 -26.29 -7.32 -15.64
CA LEU A 215 -26.54 -8.71 -15.30
C LEU A 215 -27.37 -9.37 -16.37
N GLY A 216 -27.04 -10.61 -16.69
CA GLY A 216 -27.78 -11.31 -17.71
C GLY A 216 -27.32 -11.01 -19.12
N THR A 217 -26.06 -10.60 -19.26
CA THR A 217 -25.49 -10.30 -20.56
C THR A 217 -24.03 -10.76 -20.59
N ALA A 218 -23.45 -10.87 -21.77
CA ALA A 218 -22.05 -11.30 -21.88
C ALA A 218 -21.14 -10.10 -21.68
N GLN A 219 -19.92 -10.35 -21.24
CA GLN A 219 -18.94 -9.29 -21.02
C GLN A 219 -18.56 -8.61 -22.35
N GLU A 220 -18.54 -9.37 -23.43
CA GLU A 220 -18.22 -8.80 -24.74
C GLU A 220 -19.25 -7.75 -25.14
N ASP A 221 -20.40 -7.77 -24.48
CA ASP A 221 -21.45 -6.80 -24.77
C ASP A 221 -21.54 -5.64 -23.76
N ASP A 222 -20.63 -5.60 -22.78
CA ASP A 222 -20.63 -4.53 -21.78
C ASP A 222 -20.43 -3.17 -22.45
N ARG A 223 -21.25 -2.18 -22.10
CA ARG A 223 -21.11 -0.84 -22.68
C ARG A 223 -19.86 -0.16 -22.14
N LEU A 224 -19.14 0.51 -23.04
CA LEU A 224 -17.93 1.25 -22.72
C LEU A 224 -18.44 2.60 -22.23
N VAL A 225 -18.16 2.95 -20.98
CA VAL A 225 -18.66 4.20 -20.42
C VAL A 225 -17.69 5.39 -20.47
N PHE A 226 -16.39 5.12 -20.43
CA PHE A 226 -15.41 6.19 -20.45
C PHE A 226 -14.00 5.67 -20.78
N GLY A 227 -13.19 6.51 -21.43
CA GLY A 227 -11.83 6.11 -21.72
C GLY A 227 -11.48 5.67 -23.13
N ALA A 228 -12.46 5.52 -24.02
CA ALA A 228 -12.18 5.07 -25.38
C ALA A 228 -11.84 6.16 -26.37
N ILE A 229 -12.60 7.25 -26.41
CA ILE A 229 -12.28 8.31 -27.35
C ILE A 229 -10.99 8.97 -26.89
N PRO A 230 -10.23 9.52 -27.84
CA PRO A 230 -8.96 10.19 -27.53
C PRO A 230 -9.00 11.17 -26.37
N ALA A 231 -10.02 12.04 -26.32
CA ALA A 231 -10.13 13.03 -25.25
C ALA A 231 -10.27 12.46 -23.84
N GLN A 232 -10.62 11.18 -23.73
CA GLN A 232 -10.81 10.53 -22.44
C GLN A 232 -9.73 9.51 -22.09
N HIS A 233 -8.68 9.42 -22.90
CA HIS A 233 -7.60 8.46 -22.63
C HIS A 233 -6.86 8.82 -21.35
N HIS A 234 -6.95 7.97 -20.35
CA HIS A 234 -6.27 8.19 -19.07
C HIS A 234 -5.71 6.85 -18.60
N ARG A 235 -4.62 6.92 -17.83
CA ARG A 235 -3.98 5.73 -17.29
C ARG A 235 -4.81 5.11 -16.16
N TYR A 236 -5.57 5.92 -15.45
CA TYR A 236 -6.37 5.41 -14.33
C TYR A 236 -7.77 6.00 -14.28
N VAL A 237 -8.80 5.16 -14.42
CA VAL A 237 -10.18 5.65 -14.33
C VAL A 237 -10.95 4.84 -13.30
N GLY A 238 -11.89 5.51 -12.63
CA GLY A 238 -12.68 4.83 -11.62
C GLY A 238 -14.13 5.25 -11.73
N ALA A 239 -15.02 4.45 -11.17
CA ALA A 239 -16.43 4.77 -11.26
C ALA A 239 -17.10 4.42 -9.96
N THR A 240 -17.96 5.32 -9.50
CA THR A 240 -18.69 5.10 -8.26
C THR A 240 -20.10 5.64 -8.43
N VAL A 241 -21.09 4.84 -8.05
CA VAL A 241 -22.47 5.26 -8.11
C VAL A 241 -22.84 5.52 -6.65
N THR A 242 -23.44 6.67 -6.39
CA THR A 242 -23.81 7.02 -5.03
C THR A 242 -24.75 6.00 -4.42
N GLU A 243 -24.71 5.93 -3.09
CA GLU A 243 -25.53 5.01 -2.33
C GLU A 243 -27.00 5.01 -2.73
N ASP A 244 -27.56 6.20 -2.97
CA ASP A 244 -28.97 6.32 -3.34
C ASP A 244 -29.20 6.17 -4.85
N ASP A 245 -28.19 5.71 -5.57
CA ASP A 245 -28.29 5.51 -7.02
C ASP A 245 -28.66 6.73 -7.85
N ARG A 246 -28.34 7.93 -7.39
CA ARG A 246 -28.70 9.10 -8.19
C ARG A 246 -27.58 9.66 -9.07
N PHE A 247 -26.33 9.43 -8.69
CA PHE A 247 -25.22 9.98 -9.47
C PHE A 247 -24.10 9.00 -9.72
N LEU A 248 -23.57 9.01 -10.94
CA LEU A 248 -22.43 8.20 -11.30
C LEU A 248 -21.25 9.19 -11.26
N LEU A 249 -20.17 8.82 -10.59
CA LEU A 249 -18.99 9.66 -10.51
C LEU A 249 -17.81 8.95 -11.18
N ILE A 250 -17.22 9.59 -12.18
CA ILE A 250 -16.10 9.00 -12.88
C ILE A 250 -14.86 9.84 -12.68
N SER A 251 -13.77 9.19 -12.29
CA SER A 251 -12.52 9.90 -12.08
C SER A 251 -11.56 9.42 -13.14
N ALA A 252 -10.69 10.32 -13.59
CA ALA A 252 -9.71 9.99 -14.59
C ALA A 252 -8.38 10.64 -14.21
N ALA A 253 -7.29 9.88 -14.27
CA ALA A 253 -5.98 10.40 -13.91
C ALA A 253 -4.89 9.71 -14.73
N ASN A 254 -3.74 10.37 -14.83
CA ASN A 254 -2.58 9.86 -15.55
C ASN A 254 -1.47 9.51 -14.57
N SER A 255 -1.55 10.09 -13.36
CA SER A 255 -0.57 9.84 -12.30
C SER A 255 -1.27 9.48 -11.01
N THR A 256 -0.48 9.17 -9.98
CA THR A 256 -1.02 8.81 -8.69
C THR A 256 -1.50 10.01 -7.89
N SER A 257 -1.22 11.21 -8.40
CA SER A 257 -1.66 12.45 -7.76
C SER A 257 -2.32 13.31 -8.83
N GLY A 258 -3.50 13.83 -8.52
CA GLY A 258 -4.25 14.65 -9.45
C GLY A 258 -5.22 13.85 -10.31
N ASN A 259 -6.46 14.32 -10.40
CA ASN A 259 -7.47 13.63 -11.19
C ASN A 259 -8.63 14.54 -11.62
N ARG A 260 -9.17 14.22 -12.78
CA ARG A 260 -10.30 14.90 -13.35
C ARG A 260 -11.48 14.13 -12.76
N LEU A 261 -12.63 14.78 -12.70
CA LEU A 261 -13.81 14.16 -12.12
C LEU A 261 -15.05 14.58 -12.90
N TYR A 262 -15.91 13.61 -13.20
CA TYR A 262 -17.13 13.84 -13.96
C TYR A 262 -18.35 13.28 -13.25
N VAL A 263 -19.53 13.88 -13.50
CA VAL A 263 -20.76 13.40 -12.89
C VAL A 263 -21.94 13.28 -13.87
N LYS A 264 -22.69 12.19 -13.76
CA LYS A 264 -23.85 11.95 -14.59
C LYS A 264 -25.08 11.73 -13.73
N ASP A 265 -26.11 12.55 -13.97
CA ASP A 265 -27.36 12.45 -13.23
C ASP A 265 -28.14 11.24 -13.71
N LEU A 266 -28.13 10.18 -12.92
CA LEU A 266 -28.82 8.96 -13.28
C LEU A 266 -30.35 9.02 -13.22
N SER A 267 -30.89 10.06 -12.60
CA SER A 267 -32.35 10.17 -12.50
C SER A 267 -32.98 10.65 -13.79
N GLN A 268 -32.16 10.95 -14.79
CA GLN A 268 -32.67 11.42 -16.08
C GLN A 268 -32.21 10.50 -17.20
N GLU A 269 -33.00 10.42 -18.26
CA GLU A 269 -32.66 9.56 -19.39
C GLU A 269 -31.50 10.11 -20.19
N ASN A 270 -30.45 9.30 -20.31
CA ASN A 270 -29.28 9.68 -21.10
C ASN A 270 -28.74 11.07 -20.79
N ALA A 271 -28.43 11.32 -19.52
CA ALA A 271 -27.88 12.60 -19.13
C ALA A 271 -26.44 12.65 -19.62
N PRO A 272 -25.92 13.85 -19.90
CA PRO A 272 -24.52 13.98 -20.36
C PRO A 272 -23.56 14.00 -19.16
N LEU A 273 -22.27 13.84 -19.42
CA LEU A 273 -21.32 13.93 -18.32
C LEU A 273 -21.01 15.40 -18.09
N LEU A 274 -21.11 15.85 -16.85
CA LEU A 274 -20.79 17.22 -16.50
C LEU A 274 -19.43 17.16 -15.80
N THR A 275 -18.60 18.15 -16.05
CA THR A 275 -17.26 18.22 -15.47
C THR A 275 -17.22 18.85 -14.07
N VAL A 276 -16.82 18.06 -13.07
CA VAL A 276 -16.71 18.55 -11.70
C VAL A 276 -15.33 19.20 -11.58
N GLN A 277 -14.36 18.63 -12.29
CA GLN A 277 -12.99 19.16 -12.36
C GLN A 277 -12.39 18.69 -13.69
N GLY A 278 -11.93 19.64 -14.51
CA GLY A 278 -11.39 19.31 -15.81
C GLY A 278 -9.89 19.28 -15.98
N ASP A 279 -9.16 19.61 -14.92
CA ASP A 279 -7.70 19.61 -14.93
C ASP A 279 -7.14 18.60 -13.93
N LEU A 280 -5.83 18.34 -14.01
CA LEU A 280 -5.18 17.38 -13.11
C LEU A 280 -4.43 18.10 -11.99
N ASP A 281 -4.84 19.33 -11.71
CA ASP A 281 -4.15 20.14 -10.71
C ASP A 281 -4.50 19.88 -9.26
N ALA A 282 -5.45 19.00 -9.01
CA ALA A 282 -5.84 18.72 -7.64
C ALA A 282 -6.51 17.37 -7.55
N ASP A 283 -6.53 16.78 -6.37
CA ASP A 283 -7.24 15.52 -6.22
C ASP A 283 -8.64 15.91 -5.74
N VAL A 284 -9.66 15.23 -6.26
CA VAL A 284 -11.04 15.47 -5.80
C VAL A 284 -11.77 14.13 -5.87
N SER A 285 -12.44 13.77 -4.79
CA SER A 285 -13.17 12.51 -4.74
C SER A 285 -14.53 12.65 -4.08
N LEU A 286 -15.45 11.79 -4.49
CA LEU A 286 -16.80 11.80 -3.97
C LEU A 286 -16.88 11.17 -2.58
N VAL A 287 -17.72 11.74 -1.72
CA VAL A 287 -17.92 11.19 -0.39
C VAL A 287 -19.35 10.71 -0.34
N ASP A 288 -20.27 11.51 -0.89
CA ASP A 288 -21.69 11.16 -0.90
C ASP A 288 -22.44 12.33 -1.51
N ASN A 289 -23.74 12.17 -1.63
CA ASN A 289 -24.58 13.25 -2.12
C ASN A 289 -25.76 13.30 -1.17
N LYS A 290 -26.53 14.38 -1.27
CA LYS A 290 -27.72 14.56 -0.48
C LYS A 290 -28.59 15.41 -1.41
N GLY A 291 -29.57 14.77 -2.02
CA GLY A 291 -30.41 15.48 -2.98
C GLY A 291 -29.51 15.67 -4.18
N SER A 292 -29.48 16.87 -4.74
CA SER A 292 -28.64 17.16 -5.90
C SER A 292 -27.28 17.73 -5.49
N THR A 293 -26.98 17.72 -4.19
CA THR A 293 -25.71 18.25 -3.73
C THR A 293 -24.63 17.16 -3.60
N LEU A 294 -23.46 17.37 -4.20
CA LEU A 294 -22.38 16.39 -4.09
C LEU A 294 -21.45 16.86 -2.96
N TYR A 295 -20.90 15.92 -2.22
CA TYR A 295 -19.96 16.24 -1.13
C TYR A 295 -18.59 15.71 -1.58
N LEU A 296 -17.66 16.63 -1.83
CA LEU A 296 -16.32 16.25 -2.33
C LEU A 296 -15.13 16.58 -1.43
N LEU A 297 -14.21 15.62 -1.29
CA LEU A 297 -12.99 15.81 -0.51
C LEU A 297 -11.98 16.28 -1.54
N THR A 298 -11.25 17.37 -1.24
CA THR A 298 -10.30 17.90 -2.21
C THR A 298 -9.11 18.66 -1.63
N ASN A 299 -8.00 18.68 -2.36
CA ASN A 299 -6.84 19.43 -1.94
C ASN A 299 -6.69 20.66 -2.82
N ARG A 300 -7.67 20.89 -3.69
CA ARG A 300 -7.63 22.07 -4.55
C ARG A 300 -7.69 23.27 -3.61
N ASP A 301 -6.76 24.20 -3.78
CA ASP A 301 -6.64 25.40 -2.96
C ASP A 301 -6.60 25.07 -1.45
N ALA A 302 -6.35 23.82 -1.13
CA ALA A 302 -6.30 23.42 0.27
C ALA A 302 -5.29 22.28 0.42
N PRO A 303 -4.03 22.62 0.69
CA PRO A 303 -2.93 21.67 0.86
C PRO A 303 -3.20 20.54 1.86
N ASN A 304 -3.96 20.83 2.92
CA ASN A 304 -4.27 19.81 3.93
C ASN A 304 -5.66 19.24 3.68
N ARG A 305 -6.22 19.63 2.54
CA ARG A 305 -7.53 19.18 2.09
C ARG A 305 -8.74 19.75 2.83
N ARG A 306 -9.87 19.73 2.13
CA ARG A 306 -11.13 20.26 2.67
C ARG A 306 -12.30 19.49 2.08
N LEU A 307 -13.47 19.64 2.69
CA LEU A 307 -14.67 18.98 2.17
C LEU A 307 -15.55 20.13 1.66
N VAL A 308 -15.93 20.07 0.39
CA VAL A 308 -16.76 21.10 -0.20
C VAL A 308 -18.03 20.50 -0.76
N THR A 309 -19.01 21.36 -1.01
CA THR A 309 -20.25 20.89 -1.57
C THR A 309 -20.51 21.71 -2.82
N VAL A 310 -21.31 21.16 -3.74
CA VAL A 310 -21.64 21.86 -4.98
C VAL A 310 -22.82 21.16 -5.65
N ASP A 311 -23.72 21.92 -6.27
CA ASP A 311 -24.88 21.34 -6.95
C ASP A 311 -24.38 20.63 -8.20
N ALA A 312 -24.71 19.34 -8.30
CA ALA A 312 -24.32 18.49 -9.41
C ALA A 312 -24.71 18.98 -10.80
N ALA A 313 -25.68 19.89 -10.89
CA ALA A 313 -26.10 20.41 -12.19
C ALA A 313 -25.13 21.48 -12.71
N ASN A 314 -24.26 21.98 -11.83
CA ASN A 314 -23.27 23.01 -12.22
C ASN A 314 -22.11 22.84 -11.22
N PRO A 315 -21.42 21.69 -11.28
CA PRO A 315 -20.31 21.26 -10.43
C PRO A 315 -18.89 21.80 -10.58
N GLY A 316 -18.70 22.80 -11.43
CA GLY A 316 -17.36 23.33 -11.61
C GLY A 316 -16.70 23.84 -10.34
N PRO A 317 -15.36 23.73 -10.23
CA PRO A 317 -14.58 24.18 -9.05
C PRO A 317 -14.84 25.61 -8.58
N ALA A 318 -15.15 26.50 -9.51
CA ALA A 318 -15.41 27.89 -9.13
C ALA A 318 -16.69 27.96 -8.31
N HIS A 319 -17.48 26.89 -8.37
CA HIS A 319 -18.74 26.85 -7.65
C HIS A 319 -18.73 26.08 -6.34
N TRP A 320 -17.61 25.42 -6.03
CA TRP A 320 -17.51 24.65 -4.81
C TRP A 320 -17.60 25.56 -3.59
N ARG A 321 -18.22 25.06 -2.53
CA ARG A 321 -18.38 25.80 -1.28
C ARG A 321 -17.98 24.90 -0.10
N ASP A 322 -17.13 25.42 0.79
CA ASP A 322 -16.67 24.66 1.95
C ASP A 322 -17.77 24.14 2.85
N LEU A 323 -17.65 22.88 3.26
CA LEU A 323 -18.60 22.31 4.20
C LEU A 323 -17.75 22.12 5.47
N ILE A 324 -16.53 21.61 5.30
CA ILE A 324 -15.58 21.44 6.38
C ILE A 324 -14.34 22.15 5.88
N PRO A 325 -14.11 23.41 6.29
CA PRO A 325 -12.94 24.17 5.85
C PRO A 325 -11.62 23.49 6.18
N GLU A 326 -10.57 23.89 5.49
CA GLU A 326 -9.24 23.33 5.67
C GLU A 326 -8.67 23.73 7.03
N ARG A 327 -7.90 22.85 7.65
CA ARG A 327 -7.30 23.16 8.94
C ARG A 327 -5.80 22.93 8.79
N GLN A 328 -5.08 23.07 9.90
CA GLN A 328 -3.64 22.89 9.90
C GLN A 328 -3.26 21.40 9.77
N GLN A 329 -4.20 20.51 10.06
CA GLN A 329 -3.97 19.07 9.97
C GLN A 329 -4.67 18.47 8.76
N VAL A 330 -4.11 17.40 8.22
CA VAL A 330 -4.68 16.72 7.05
C VAL A 330 -6.05 16.13 7.38
N LEU A 331 -6.99 16.35 6.46
CA LEU A 331 -8.36 15.90 6.62
C LEU A 331 -8.70 14.77 5.67
N THR A 332 -9.47 13.80 6.18
CA THR A 332 -9.97 12.69 5.40
C THR A 332 -11.40 12.53 5.91
N VAL A 333 -12.33 12.22 5.01
CA VAL A 333 -13.71 12.09 5.43
C VAL A 333 -14.43 10.81 5.05
N HIS A 334 -15.11 10.24 6.05
CA HIS A 334 -15.90 9.02 5.86
C HIS A 334 -17.37 9.37 6.21
N SER A 335 -18.33 8.70 5.57
CA SER A 335 -19.73 8.97 5.88
C SER A 335 -20.42 7.69 6.38
N GLY A 336 -21.41 7.86 7.24
CA GLY A 336 -22.13 6.73 7.79
C GLY A 336 -23.26 7.18 8.69
N SER A 337 -24.37 6.44 8.64
CA SER A 337 -25.54 6.72 9.46
C SER A 337 -26.12 8.13 9.36
N GLY A 338 -25.83 8.83 8.28
CA GLY A 338 -26.36 10.18 8.11
C GLY A 338 -25.46 11.23 8.74
N TYR A 339 -24.19 10.90 8.88
CA TYR A 339 -23.22 11.80 9.45
C TYR A 339 -21.91 11.72 8.67
N LEU A 340 -21.13 12.79 8.75
CA LEU A 340 -19.83 12.85 8.09
C LEU A 340 -18.82 12.78 9.24
N PHE A 341 -17.81 11.93 9.07
CA PHE A 341 -16.80 11.76 10.09
C PHE A 341 -15.48 12.24 9.55
N ALA A 342 -15.02 13.33 10.14
CA ALA A 342 -13.77 13.97 9.75
C ALA A 342 -12.61 13.44 10.57
N GLU A 343 -11.65 12.81 9.91
CA GLU A 343 -10.50 12.28 10.60
C GLU A 343 -9.33 13.21 10.32
N TYR A 344 -8.66 13.64 11.38
CA TYR A 344 -7.51 14.52 11.23
C TYR A 344 -6.21 13.84 11.66
N MSE A 345 -5.12 14.23 11.02
CA MSE A 345 -3.84 13.65 11.35
C MSE A 345 -3.03 14.61 12.21
O MSE A 345 -2.66 15.70 11.76
CB MSE A 345 -3.09 13.30 10.07
CG MSE A 345 -2.03 12.22 10.26
SE MSE A 345 -1.53 11.50 8.53
CE MSE A 345 -3.06 10.37 8.23
N VAL A 346 -2.79 14.23 13.46
CA VAL A 346 -2.01 15.05 14.38
C VAL A 346 -0.68 14.31 14.56
N ASP A 347 0.35 14.79 13.87
CA ASP A 347 1.65 14.16 13.93
C ASP A 347 1.52 12.64 13.77
N ALA A 348 0.91 12.24 12.65
CA ALA A 348 0.73 10.83 12.30
C ALA A 348 -0.30 10.02 13.10
N THR A 349 -0.94 10.62 14.09
CA THR A 349 -1.92 9.91 14.88
C THR A 349 -3.30 10.48 14.61
N ALA A 350 -4.33 9.69 14.86
CA ALA A 350 -5.70 10.14 14.58
C ALA A 350 -6.53 10.83 15.64
N ARG A 351 -7.50 11.58 15.13
CA ARG A 351 -8.51 12.32 15.88
C ARG A 351 -9.76 12.28 14.99
N VAL A 352 -10.95 12.14 15.58
CA VAL A 352 -12.16 12.10 14.78
C VAL A 352 -13.24 13.08 15.26
N GLU A 353 -13.90 13.73 14.33
CA GLU A 353 -14.97 14.66 14.69
C GLU A 353 -16.23 14.27 13.91
N GLN A 354 -17.37 14.34 14.56
CA GLN A 354 -18.61 14.00 13.90
C GLN A 354 -19.37 15.26 13.49
N PHE A 355 -19.76 15.31 12.22
CA PHE A 355 -20.47 16.44 11.62
C PHE A 355 -21.76 15.97 10.96
N ASP A 356 -22.77 16.84 10.84
CA ASP A 356 -23.97 16.43 10.12
C ASP A 356 -23.77 16.95 8.69
N TYR A 357 -24.65 16.57 7.76
CA TYR A 357 -24.50 16.98 6.37
C TYR A 357 -24.67 18.48 6.11
N GLU A 358 -24.97 19.25 7.16
CA GLU A 358 -25.09 20.69 6.99
C GLU A 358 -23.80 21.36 7.48
N GLY A 359 -22.79 20.55 7.80
CA GLY A 359 -21.53 21.09 8.24
C GLY A 359 -21.46 21.46 9.72
N LYS A 360 -22.55 21.22 10.44
CA LYS A 360 -22.57 21.53 11.87
C LYS A 360 -21.87 20.41 12.61
N ARG A 361 -21.00 20.79 13.54
CA ARG A 361 -20.24 19.83 14.31
C ARG A 361 -21.06 19.24 15.45
N VAL A 362 -21.24 17.92 15.44
CA VAL A 362 -21.99 17.25 16.49
C VAL A 362 -21.14 17.07 17.75
N ARG A 363 -19.94 16.52 17.57
CA ARG A 363 -19.07 16.26 18.71
C ARG A 363 -17.69 15.81 18.25
N GLU A 364 -16.79 15.66 19.20
CA GLU A 364 -15.45 15.17 18.91
C GLU A 364 -15.46 13.74 19.47
N VAL A 365 -15.16 12.76 18.62
CA VAL A 365 -15.15 11.37 19.06
C VAL A 365 -13.81 10.98 19.70
N ALA A 366 -13.84 10.65 20.99
CA ALA A 366 -12.64 10.26 21.72
C ALA A 366 -12.16 8.87 21.30
N LEU A 367 -10.89 8.76 20.96
CA LEU A 367 -10.33 7.48 20.56
C LEU A 367 -9.57 6.83 21.73
N PRO A 368 -9.40 5.49 21.70
CA PRO A 368 -8.71 4.71 22.74
C PRO A 368 -7.36 5.25 23.16
N GLY A 369 -6.64 5.86 22.21
CA GLY A 369 -5.34 6.41 22.52
C GLY A 369 -4.76 7.11 21.30
N LEU A 370 -3.44 7.02 21.15
CA LEU A 370 -2.74 7.63 20.03
C LEU A 370 -2.37 6.52 19.07
N GLY A 371 -2.92 6.57 17.86
CA GLY A 371 -2.63 5.54 16.89
C GLY A 371 -3.40 5.78 15.62
N SER A 372 -3.85 4.71 14.98
CA SER A 372 -4.63 4.86 13.74
C SER A 372 -6.03 4.32 13.93
N VAL A 373 -6.99 5.00 13.32
CA VAL A 373 -8.37 4.54 13.39
C VAL A 373 -8.73 4.08 11.99
N SER A 374 -9.73 3.21 11.93
CA SER A 374 -10.25 2.68 10.68
C SER A 374 -11.76 2.60 10.90
N GLY A 375 -12.55 2.59 9.84
CA GLY A 375 -13.99 2.51 10.05
C GLY A 375 -14.78 3.80 9.91
N PHE A 376 -15.87 3.91 10.67
CA PHE A 376 -16.79 5.06 10.61
C PHE A 376 -17.31 5.19 9.18
N ASN A 377 -17.49 4.04 8.55
CA ASN A 377 -18.01 3.95 7.19
C ASN A 377 -19.25 3.08 7.21
N GLY A 378 -20.38 3.62 6.78
CA GLY A 378 -21.62 2.85 6.76
C GLY A 378 -22.64 3.48 5.84
N LYS A 379 -23.77 2.80 5.65
CA LYS A 379 -24.82 3.31 4.78
C LYS A 379 -25.59 4.38 5.53
N HIS A 380 -26.42 5.14 4.81
CA HIS A 380 -27.23 6.20 5.43
C HIS A 380 -28.07 5.64 6.57
N ASP A 381 -28.56 4.42 6.36
CA ASP A 381 -29.44 3.70 7.27
C ASP A 381 -28.84 2.84 8.38
N ASP A 382 -27.52 2.69 8.42
CA ASP A 382 -26.92 1.87 9.46
C ASP A 382 -27.22 2.46 10.84
N PRO A 383 -27.75 1.65 11.76
CA PRO A 383 -28.06 2.15 13.11
C PRO A 383 -26.83 2.22 14.00
N ALA A 384 -25.74 1.59 13.57
CA ALA A 384 -24.52 1.60 14.35
C ALA A 384 -23.33 1.51 13.43
N LEU A 385 -22.23 2.14 13.84
CA LEU A 385 -21.00 2.12 13.07
C LEU A 385 -19.92 1.44 13.88
N TYR A 386 -18.91 0.92 13.19
CA TYR A 386 -17.80 0.23 13.82
C TYR A 386 -16.46 0.87 13.44
N PHE A 387 -15.53 0.92 14.39
CA PHE A 387 -14.22 1.45 14.14
C PHE A 387 -13.12 0.62 14.82
N GLY A 388 -11.94 0.64 14.21
CA GLY A 388 -10.82 -0.10 14.76
C GLY A 388 -9.74 0.86 15.23
N PHE A 389 -8.99 0.44 16.24
CA PHE A 389 -7.91 1.26 16.75
C PHE A 389 -6.71 0.38 16.93
N GLU A 390 -5.52 0.91 16.65
CA GLU A 390 -4.28 0.16 16.80
C GLU A 390 -3.09 1.08 16.67
N ASN A 391 -1.93 0.57 17.08
CA ASN A 391 -0.68 1.31 16.94
C ASN A 391 0.45 0.28 17.00
N TYR A 392 1.70 0.72 17.00
CA TYR A 392 2.82 -0.22 16.99
C TYR A 392 2.86 -1.24 18.13
N ALA A 393 2.29 -0.88 19.28
CA ALA A 393 2.28 -1.75 20.44
C ALA A 393 0.88 -2.11 20.92
N GLN A 394 -0.10 -1.92 20.05
CA GLN A 394 -1.49 -2.21 20.39
C GLN A 394 -2.19 -2.94 19.26
N PRO A 395 -2.40 -4.26 19.41
CA PRO A 395 -3.08 -5.00 18.34
C PRO A 395 -4.49 -4.45 18.07
N PRO A 396 -4.97 -4.60 16.82
CA PRO A 396 -6.27 -4.14 16.34
C PRO A 396 -7.42 -4.45 17.29
N THR A 397 -8.14 -3.42 17.69
CA THR A 397 -9.26 -3.54 18.62
C THR A 397 -10.51 -2.95 17.97
N LEU A 398 -11.64 -3.63 18.08
CA LEU A 398 -12.88 -3.16 17.46
C LEU A 398 -13.87 -2.54 18.41
N TYR A 399 -14.49 -1.47 17.98
CA TYR A 399 -15.45 -0.75 18.80
C TYR A 399 -16.72 -0.50 18.02
N ARG A 400 -17.84 -0.45 18.75
CA ARG A 400 -19.12 -0.18 18.15
C ARG A 400 -19.53 1.23 18.58
N PHE A 401 -19.91 2.05 17.60
CA PHE A 401 -20.27 3.44 17.85
C PHE A 401 -21.77 3.72 17.60
N GLU A 402 -22.45 4.25 18.60
CA GLU A 402 -23.88 4.61 18.45
C GLU A 402 -23.82 6.07 18.02
N PRO A 403 -24.11 6.36 16.74
CA PRO A 403 -24.08 7.69 16.12
C PRO A 403 -24.86 8.85 16.76
N LYS A 404 -26.07 8.59 17.22
CA LYS A 404 -26.86 9.67 17.79
C LYS A 404 -26.36 10.11 19.15
N SER A 405 -26.06 9.16 20.03
CA SER A 405 -25.61 9.51 21.38
C SER A 405 -24.11 9.54 21.53
N GLY A 406 -23.40 8.92 20.60
CA GLY A 406 -21.95 8.88 20.69
C GLY A 406 -21.45 7.77 21.58
N ALA A 407 -22.36 6.93 22.06
CA ALA A 407 -22.00 5.81 22.90
C ALA A 407 -20.98 4.92 22.19
N ILE A 408 -19.92 4.55 22.90
CA ILE A 408 -18.86 3.68 22.35
C ILE A 408 -18.69 2.46 23.23
N SER A 409 -18.66 1.28 22.63
CA SER A 409 -18.48 0.08 23.42
C SER A 409 -17.51 -0.84 22.73
N LEU A 410 -16.79 -1.62 23.53
CA LEU A 410 -15.79 -2.57 23.04
C LEU A 410 -16.46 -3.76 22.33
N TYR A 411 -16.21 -3.92 21.03
CA TYR A 411 -16.81 -5.00 20.27
C TYR A 411 -15.93 -6.26 20.24
N ARG A 412 -14.64 -6.11 19.93
CA ARG A 412 -13.73 -7.25 19.92
C ARG A 412 -12.35 -6.91 20.46
N ALA A 413 -12.02 -7.43 21.63
CA ALA A 413 -10.71 -7.18 22.21
C ALA A 413 -9.78 -8.08 21.40
N SER A 414 -8.50 -7.74 21.31
CA SER A 414 -7.59 -8.56 20.53
C SER A 414 -7.22 -9.85 21.26
N ALA A 415 -7.13 -10.94 20.51
CA ALA A 415 -6.76 -12.23 21.07
C ALA A 415 -5.24 -12.45 20.92
N ALA A 416 -4.55 -11.43 20.42
CA ALA A 416 -3.10 -11.52 20.24
C ALA A 416 -2.42 -11.67 21.60
N PRO A 417 -1.32 -12.43 21.65
CA PRO A 417 -0.55 -12.68 22.88
C PRO A 417 0.46 -11.58 23.14
N PHE A 418 0.01 -10.32 23.04
CA PHE A 418 0.91 -9.19 23.25
C PHE A 418 0.34 -8.18 24.22
N LYS A 419 1.04 -7.97 25.32
CA LYS A 419 0.58 -7.01 26.32
C LYS A 419 1.08 -5.64 25.90
N PRO A 420 0.14 -4.72 25.64
CA PRO A 420 0.52 -3.36 25.23
C PRO A 420 1.30 -2.64 26.31
N GLU A 421 0.93 -2.87 27.57
CA GLU A 421 1.61 -2.20 28.67
C GLU A 421 3.07 -2.61 28.78
N ASP A 422 3.46 -3.63 28.03
CA ASP A 422 4.84 -4.13 28.01
C ASP A 422 5.78 -3.32 27.12
N TYR A 423 5.21 -2.48 26.26
CA TYR A 423 6.02 -1.72 25.31
C TYR A 423 5.93 -0.21 25.42
N VAL A 424 6.90 0.44 24.77
CA VAL A 424 6.95 1.88 24.71
C VAL A 424 6.94 2.22 23.23
N SER A 425 6.16 3.22 22.86
CA SER A 425 6.10 3.69 21.48
C SER A 425 6.06 5.20 21.62
N GLU A 426 7.24 5.82 21.50
CA GLU A 426 7.37 7.26 21.68
C GLU A 426 7.66 8.02 20.40
N GLN A 427 7.20 9.27 20.35
CA GLN A 427 7.43 10.12 19.20
C GLN A 427 8.51 11.13 19.51
N ARG A 428 9.42 11.27 18.56
CA ARG A 428 10.54 12.20 18.67
C ARG A 428 10.59 12.97 17.38
N PHE A 429 11.26 14.11 17.42
CA PHE A 429 11.41 14.92 16.23
C PHE A 429 12.88 15.19 16.11
N TYR A 430 13.42 15.00 14.91
CA TYR A 430 14.84 15.23 14.70
C TYR A 430 14.92 16.27 13.58
N GLN A 431 16.13 16.67 13.20
CA GLN A 431 16.27 17.64 12.12
C GLN A 431 17.08 17.08 10.96
N SER A 432 16.64 17.40 9.75
CA SER A 432 17.30 16.92 8.55
C SER A 432 18.41 17.88 8.14
N LYS A 433 19.10 17.55 7.07
CA LYS A 433 20.20 18.38 6.59
C LYS A 433 19.81 19.86 6.46
N ASP A 434 18.69 20.13 5.78
CA ASP A 434 18.26 21.51 5.61
C ASP A 434 17.57 22.18 6.81
N GLY A 435 17.48 21.48 7.93
CA GLY A 435 16.85 22.08 9.10
C GLY A 435 15.44 21.59 9.43
N THR A 436 14.71 21.13 8.41
CA THR A 436 13.35 20.63 8.56
C THR A 436 13.19 19.66 9.73
N ARG A 437 12.16 19.88 10.53
CA ARG A 437 11.89 19.02 11.66
C ARG A 437 11.05 17.83 11.19
N VAL A 438 11.59 16.63 11.37
CA VAL A 438 10.91 15.42 10.94
C VAL A 438 10.59 14.50 12.11
N PRO A 439 9.33 14.00 12.17
CA PRO A 439 8.78 13.10 13.19
C PRO A 439 9.31 11.67 13.06
N LEU A 440 9.57 11.05 14.21
CA LEU A 440 10.07 9.68 14.25
C LEU A 440 9.39 8.92 15.39
N ILE A 441 8.69 7.84 15.09
CA ILE A 441 8.05 7.08 16.17
C ILE A 441 8.90 5.85 16.46
N ILE A 442 9.37 5.74 17.70
CA ILE A 442 10.24 4.66 18.15
C ILE A 442 9.58 3.71 19.15
N SER A 443 9.44 2.45 18.75
CA SER A 443 8.82 1.44 19.59
C SER A 443 9.83 0.37 20.06
N TYR A 444 9.62 -0.15 21.27
CA TYR A 444 10.50 -1.18 21.83
C TYR A 444 9.91 -1.69 23.15
N ARG A 445 10.45 -2.79 23.65
CA ARG A 445 9.96 -3.35 24.92
C ARG A 445 10.44 -2.54 26.12
N LYS A 446 9.58 -2.32 27.10
CA LYS A 446 9.97 -1.55 28.27
C LYS A 446 11.23 -2.11 28.90
N GLY A 447 12.06 -1.22 29.42
CA GLY A 447 13.29 -1.65 30.06
C GLY A 447 14.52 -1.56 29.18
N LEU A 448 14.38 -0.91 28.03
CA LEU A 448 15.50 -0.77 27.11
C LEU A 448 16.43 0.31 27.67
N LYS A 449 17.72 0.18 27.37
CA LYS A 449 18.69 1.16 27.84
C LYS A 449 19.36 1.83 26.66
N LEU A 450 19.34 3.15 26.67
CA LEU A 450 19.94 3.92 25.59
C LEU A 450 21.46 3.88 25.68
N ASP A 451 22.03 2.70 25.48
CA ASP A 451 23.48 2.51 25.54
C ASP A 451 24.09 2.26 24.16
N GLY A 452 23.30 2.54 23.13
CA GLY A 452 23.73 2.38 21.75
C GLY A 452 23.95 0.96 21.28
N SER A 453 23.43 -0.02 22.00
CA SER A 453 23.62 -1.41 21.62
C SER A 453 22.40 -2.15 21.07
N ASN A 454 21.23 -1.52 21.17
CA ASN A 454 20.01 -2.17 20.72
C ASN A 454 19.86 -2.45 19.21
N PRO A 455 19.66 -3.72 18.83
CA PRO A 455 19.49 -4.02 17.40
C PRO A 455 18.32 -3.15 16.95
N THR A 456 18.48 -2.43 15.86
CA THR A 456 17.43 -1.53 15.40
C THR A 456 17.08 -1.63 13.92
N ILE A 457 15.82 -1.39 13.61
CA ILE A 457 15.40 -1.40 12.22
C ILE A 457 14.72 -0.07 12.02
N LEU A 458 15.27 0.73 11.11
CA LEU A 458 14.72 2.02 10.76
C LEU A 458 13.90 1.81 9.49
N TYR A 459 12.63 2.19 9.54
CA TYR A 459 11.71 2.03 8.42
C TYR A 459 11.26 3.38 7.88
N GLY A 460 11.09 3.43 6.56
CA GLY A 460 10.66 4.66 5.89
C GLY A 460 10.08 4.36 4.51
N TYR A 461 9.32 5.31 3.98
CA TYR A 461 8.70 5.21 2.65
C TYR A 461 9.10 6.51 1.95
N GLY A 462 8.33 7.58 2.20
CA GLY A 462 8.69 8.88 1.64
C GLY A 462 8.31 9.21 0.21
N GLY A 463 7.02 9.37 -0.02
CA GLY A 463 6.55 9.72 -1.35
C GLY A 463 5.10 9.37 -1.58
N PHE A 464 4.58 9.90 -2.69
CA PHE A 464 3.23 9.63 -3.12
C PHE A 464 2.08 10.03 -2.19
N ASP A 465 2.35 11.02 -1.33
CA ASP A 465 1.38 11.53 -0.37
C ASP A 465 0.94 10.42 0.56
N VAL A 466 1.81 9.42 0.73
CA VAL A 466 1.53 8.28 1.59
C VAL A 466 1.92 8.61 3.02
N SER A 467 1.03 8.33 3.95
CA SER A 467 1.32 8.59 5.35
C SER A 467 1.60 7.31 6.11
N LEU A 468 2.63 7.33 6.95
CA LEU A 468 2.95 6.17 7.75
C LEU A 468 2.39 6.44 9.15
N THR A 469 1.22 5.88 9.40
CA THR A 469 0.55 6.03 10.70
C THR A 469 0.72 4.76 11.53
N PRO A 470 0.63 4.88 12.88
CA PRO A 470 0.78 3.70 13.74
C PRO A 470 -0.01 2.50 13.23
N SER A 471 0.71 1.40 13.01
CA SER A 471 0.15 0.18 12.50
C SER A 471 0.73 -1.00 13.28
N PHE A 472 -0.11 -1.94 13.70
CA PHE A 472 0.37 -3.10 14.45
C PHE A 472 0.75 -4.28 13.56
N SER A 473 1.86 -4.93 13.89
CA SER A 473 2.32 -6.08 13.13
C SER A 473 2.90 -7.16 14.02
N VAL A 474 2.48 -8.39 13.78
CA VAL A 474 2.98 -9.52 14.56
C VAL A 474 4.50 -9.62 14.38
N SER A 475 4.99 -9.36 13.17
CA SER A 475 6.43 -9.43 12.90
C SER A 475 7.16 -8.42 13.76
N VAL A 476 6.72 -7.17 13.70
CA VAL A 476 7.35 -6.11 14.48
C VAL A 476 7.27 -6.38 15.99
N ALA A 477 6.13 -6.92 16.44
CA ALA A 477 5.98 -7.20 17.87
C ALA A 477 6.98 -8.32 18.27
N ASN A 478 7.26 -9.24 17.36
CA ASN A 478 8.22 -10.30 17.67
C ASN A 478 9.64 -9.75 17.68
N TRP A 479 9.86 -8.70 16.90
CA TRP A 479 11.19 -8.08 16.85
C TRP A 479 11.39 -7.30 18.15
N LEU A 480 10.32 -6.71 18.68
CA LEU A 480 10.41 -5.97 19.93
C LEU A 480 10.66 -6.95 21.06
N ASP A 481 10.05 -8.13 20.97
CA ASP A 481 10.24 -9.14 22.00
C ASP A 481 11.67 -9.63 22.02
N LEU A 482 12.28 -9.75 20.84
CA LEU A 482 13.68 -10.20 20.76
C LEU A 482 14.62 -9.12 21.28
N GLY A 483 14.05 -7.97 21.67
CA GLY A 483 14.86 -6.89 22.18
C GLY A 483 15.21 -5.80 21.17
N GLY A 484 14.68 -5.90 19.95
CA GLY A 484 14.98 -4.90 18.93
C GLY A 484 14.19 -3.61 19.06
N VAL A 485 14.65 -2.58 18.37
CA VAL A 485 13.98 -1.30 18.35
C VAL A 485 13.39 -1.13 16.94
N TYR A 486 12.20 -0.56 16.84
CA TYR A 486 11.58 -0.35 15.54
C TYR A 486 11.27 1.12 15.44
N ALA A 487 11.87 1.79 14.45
CA ALA A 487 11.67 3.22 14.27
C ALA A 487 11.12 3.58 12.89
N VAL A 488 10.02 4.32 12.86
CA VAL A 488 9.38 4.74 11.63
C VAL A 488 9.48 6.26 11.44
N ALA A 489 10.17 6.70 10.40
CA ALA A 489 10.34 8.13 10.10
C ALA A 489 9.27 8.61 9.12
N ASN A 490 8.62 9.73 9.45
CA ASN A 490 7.62 10.32 8.58
C ASN A 490 8.30 11.31 7.64
N LEU A 491 9.09 10.76 6.72
CA LEU A 491 9.85 11.51 5.72
C LEU A 491 9.00 12.41 4.82
N ARG A 492 9.66 13.42 4.26
CA ARG A 492 8.98 14.30 3.33
C ARG A 492 8.72 13.38 2.13
N GLY A 493 7.89 13.82 1.21
CA GLY A 493 7.53 12.92 0.12
C GLY A 493 6.22 12.27 0.58
N GLY A 494 6.06 12.12 1.90
CA GLY A 494 4.84 11.53 2.46
C GLY A 494 3.69 12.53 2.54
N GLY A 495 2.54 12.13 3.07
CA GLY A 495 1.43 13.07 3.16
C GLY A 495 1.12 13.58 4.55
N GLU A 496 2.00 13.24 5.50
CA GLU A 496 1.79 13.60 6.90
C GLU A 496 1.42 15.04 7.21
N TYR A 497 2.05 15.98 6.51
CA TYR A 497 1.74 17.39 6.72
C TYR A 497 1.23 18.06 5.46
N GLY A 498 0.28 17.42 4.80
CA GLY A 498 -0.31 18.01 3.60
C GLY A 498 0.50 17.97 2.33
N GLN A 499 -0.07 18.56 1.30
CA GLN A 499 0.56 18.59 -0.01
C GLN A 499 2.00 19.10 -0.03
N ALA A 500 2.29 20.12 0.78
CA ALA A 500 3.64 20.68 0.83
C ALA A 500 4.69 19.69 1.26
N TRP A 501 4.33 18.81 2.19
CA TRP A 501 5.23 17.79 2.70
C TRP A 501 5.51 16.82 1.57
N HIS A 502 4.46 16.46 0.84
CA HIS A 502 4.58 15.57 -0.31
C HIS A 502 5.50 16.15 -1.38
N LEU A 503 5.16 17.34 -1.87
CA LEU A 503 5.93 17.99 -2.93
C LEU A 503 7.39 18.29 -2.58
N ALA A 504 7.70 18.48 -1.29
CA ALA A 504 9.08 18.75 -0.91
C ALA A 504 9.92 17.49 -1.12
N GLY A 505 9.26 16.41 -1.54
CA GLY A 505 9.97 15.17 -1.79
C GLY A 505 9.73 14.60 -3.18
N THR A 506 9.27 15.42 -4.12
CA THR A 506 9.03 14.94 -5.49
C THR A 506 10.02 15.45 -6.54
N GLN A 507 10.19 14.67 -7.60
CA GLN A 507 11.07 15.01 -8.72
C GLN A 507 12.46 15.50 -8.34
N GLN A 508 12.80 16.74 -8.67
CA GLN A 508 14.12 17.27 -8.35
C GLN A 508 14.31 17.72 -6.90
N ASN A 509 13.44 17.24 -6.02
CA ASN A 509 13.55 17.55 -4.59
C ASN A 509 13.62 16.21 -3.86
N LYS A 510 13.60 15.15 -4.64
CA LYS A 510 13.61 13.79 -4.12
C LYS A 510 14.73 13.53 -3.11
N GLN A 511 15.92 14.07 -3.35
CA GLN A 511 17.04 13.87 -2.43
C GLN A 511 16.71 14.31 -1.00
N ASN A 512 15.71 15.18 -0.86
CA ASN A 512 15.31 15.66 0.48
C ASN A 512 14.85 14.47 1.29
N VAL A 513 14.21 13.51 0.63
CA VAL A 513 13.71 12.32 1.30
C VAL A 513 14.84 11.44 1.80
N PHE A 514 15.86 11.25 0.97
CA PHE A 514 16.98 10.41 1.38
C PHE A 514 17.75 11.11 2.52
N ASP A 515 17.80 12.43 2.46
CA ASP A 515 18.49 13.19 3.49
C ASP A 515 17.76 13.06 4.82
N ASP A 516 16.42 12.98 4.78
CA ASP A 516 15.65 12.84 6.01
C ASP A 516 15.93 11.46 6.60
N PHE A 517 15.93 10.43 5.76
CA PHE A 517 16.19 9.09 6.27
C PHE A 517 17.57 9.01 6.92
N ILE A 518 18.58 9.55 6.23
CA ILE A 518 19.97 9.55 6.71
C ILE A 518 20.04 10.23 8.07
N ALA A 519 19.35 11.36 8.18
CA ALA A 519 19.32 12.13 9.42
C ALA A 519 18.55 11.37 10.52
N ALA A 520 17.63 10.48 10.15
CA ALA A 520 16.92 9.71 11.17
C ALA A 520 17.89 8.67 11.74
N ALA A 521 18.68 8.06 10.85
CA ALA A 521 19.66 7.08 11.26
C ALA A 521 20.66 7.71 12.25
N GLU A 522 21.08 8.94 11.97
CA GLU A 522 22.03 9.67 12.81
C GLU A 522 21.42 9.99 14.17
N TYR A 523 20.16 10.40 14.16
CA TYR A 523 19.48 10.73 15.41
C TYR A 523 19.43 9.50 16.31
N LEU A 524 19.05 8.36 15.74
CA LEU A 524 18.97 7.15 16.55
C LEU A 524 20.31 6.81 17.21
N LYS A 525 21.43 7.06 16.54
CA LYS A 525 22.69 6.74 17.18
C LYS A 525 23.04 7.81 18.21
N ALA A 526 22.87 9.08 17.82
CA ALA A 526 23.18 10.19 18.72
C ALA A 526 22.38 10.11 20.03
N GLU A 527 21.14 9.65 19.93
CA GLU A 527 20.28 9.55 21.10
C GLU A 527 20.51 8.27 21.89
N GLY A 528 21.44 7.42 21.44
CA GLY A 528 21.75 6.21 22.17
C GLY A 528 20.87 4.98 21.99
N TYR A 529 19.97 5.00 21.01
CA TYR A 529 19.11 3.84 20.81
C TYR A 529 19.89 2.70 20.20
N THR A 530 20.81 3.04 19.31
CA THR A 530 21.57 2.02 18.63
C THR A 530 22.89 2.56 18.11
N ARG A 531 23.60 1.72 17.39
CA ARG A 531 24.87 2.10 16.81
C ARG A 531 24.91 1.47 15.43
N THR A 532 25.85 1.93 14.61
CA THR A 532 26.00 1.48 13.23
C THR A 532 25.96 -0.03 12.97
N ASP A 533 26.74 -0.80 13.71
CA ASP A 533 26.74 -2.23 13.45
C ASP A 533 25.52 -2.94 14.02
N ARG A 534 24.59 -2.16 14.58
CA ARG A 534 23.36 -2.71 15.15
C ARG A 534 22.18 -2.03 14.45
N LEU A 535 22.47 -1.40 13.32
CA LEU A 535 21.43 -0.71 12.57
C LEU A 535 21.10 -1.34 11.21
N ALA A 536 19.80 -1.45 10.94
CA ALA A 536 19.34 -1.97 9.67
C ALA A 536 18.30 -0.99 9.11
N ILE A 537 18.21 -0.91 7.79
CA ILE A 537 17.20 -0.04 7.22
C ILE A 537 16.31 -0.87 6.33
N ARG A 538 15.01 -0.64 6.48
CA ARG A 538 13.98 -1.34 5.73
C ARG A 538 13.08 -0.37 4.97
N GLY A 539 12.61 -0.83 3.82
CA GLY A 539 11.75 -0.01 2.98
C GLY A 539 11.15 -0.84 1.83
N GLY A 540 9.91 -0.50 1.44
CA GLY A 540 9.24 -1.23 0.37
C GLY A 540 8.66 -0.38 -0.76
N SER A 541 8.85 -0.83 -2.00
CA SER A 541 8.40 -0.11 -3.20
C SER A 541 9.09 1.16 -3.31
N ASN A 542 8.40 2.25 -3.02
CA ASN A 542 9.08 3.51 -2.98
C ASN A 542 10.04 3.48 -1.80
N GLY A 543 9.66 2.75 -0.77
CA GLY A 543 10.55 2.65 0.38
C GLY A 543 11.75 1.77 0.00
N GLY A 544 11.62 1.04 -1.10
CA GLY A 544 12.70 0.17 -1.57
C GLY A 544 13.74 1.02 -2.29
N LEU A 545 13.23 2.04 -2.98
CA LEU A 545 14.09 3.00 -3.66
C LEU A 545 14.87 3.70 -2.56
N LEU A 546 14.15 4.07 -1.49
CA LEU A 546 14.76 4.75 -0.34
C LEU A 546 15.97 3.97 0.20
N VAL A 547 15.77 2.70 0.50
CA VAL A 547 16.87 1.90 1.02
C VAL A 547 17.98 1.82 0.00
N GLY A 548 17.60 1.61 -1.27
CA GLY A 548 18.56 1.50 -2.34
C GLY A 548 19.40 2.74 -2.52
N ALA A 549 18.77 3.89 -2.40
CA ALA A 549 19.45 5.17 -2.54
C ALA A 549 20.36 5.46 -1.35
N VAL A 550 19.87 5.25 -0.14
CA VAL A 550 20.70 5.51 1.04
C VAL A 550 21.92 4.56 1.16
N MSE A 551 21.74 3.27 0.88
CA MSE A 551 22.87 2.33 0.97
C MSE A 551 23.95 2.61 -0.09
O MSE A 551 25.14 2.35 0.13
CB MSE A 551 22.40 0.86 0.88
CG MSE A 551 21.90 0.42 -0.50
SE MSE A 551 21.49 -1.49 -0.55
CE MSE A 551 23.32 -2.22 -0.51
N THR A 552 23.56 3.15 -1.24
CA THR A 552 24.56 3.46 -2.28
C THR A 552 25.24 4.80 -2.05
N GLN A 553 24.53 5.75 -1.42
CA GLN A 553 25.11 7.07 -1.12
C GLN A 553 25.89 7.03 0.19
N ARG A 554 25.35 6.31 1.18
CA ARG A 554 26.01 6.22 2.48
C ARG A 554 26.12 4.79 3.00
N PRO A 555 26.92 3.95 2.33
CA PRO A 555 27.11 2.55 2.74
C PRO A 555 27.79 2.39 4.11
N ASP A 556 28.22 3.51 4.69
CA ASP A 556 28.90 3.53 5.99
C ASP A 556 27.90 3.68 7.13
N LEU A 557 26.68 4.05 6.77
CA LEU A 557 25.63 4.34 7.73
C LEU A 557 24.95 3.18 8.46
N MSE A 558 24.85 2.02 7.82
CA MSE A 558 24.17 0.90 8.44
C MSE A 558 24.92 -0.41 8.29
O MSE A 558 25.87 -0.52 7.53
CB MSE A 558 22.78 0.73 7.83
CG MSE A 558 22.79 0.31 6.32
SE MSE A 558 23.83 1.39 5.05
CE MSE A 558 22.60 2.88 4.83
N ARG A 559 24.46 -1.42 9.02
CA ARG A 559 25.08 -2.72 8.97
C ARG A 559 24.26 -3.60 8.02
N VAL A 560 22.94 -3.39 8.00
CA VAL A 560 22.04 -4.17 7.17
C VAL A 560 21.06 -3.33 6.36
N ALA A 561 20.84 -3.75 5.13
CA ALA A 561 19.94 -3.05 4.21
C ALA A 561 18.91 -4.04 3.67
N LEU A 562 17.63 -3.66 3.72
CA LEU A 562 16.57 -4.56 3.26
C LEU A 562 15.58 -3.89 2.32
N PRO A 563 15.94 -3.74 1.05
CA PRO A 563 14.99 -3.10 0.11
C PRO A 563 13.98 -4.12 -0.42
N ALA A 564 12.70 -3.87 -0.19
CA ALA A 564 11.67 -4.78 -0.68
C ALA A 564 10.97 -4.22 -1.92
N VAL A 565 10.68 -5.11 -2.86
CA VAL A 565 9.99 -4.79 -4.12
C VAL A 565 10.23 -3.34 -4.56
N GLY A 566 11.48 -2.90 -4.46
CA GLY A 566 11.83 -1.52 -4.79
C GLY A 566 12.02 -1.10 -6.23
N VAL A 567 11.84 0.19 -6.48
CA VAL A 567 12.02 0.77 -7.81
C VAL A 567 13.51 1.11 -7.79
N LEU A 568 14.32 0.30 -8.46
CA LEU A 568 15.77 0.49 -8.45
C LEU A 568 16.46 1.06 -9.71
N ASP A 569 15.84 0.89 -10.88
CA ASP A 569 16.37 1.44 -12.12
C ASP A 569 15.51 2.68 -12.38
N MSE A 570 15.96 3.82 -11.91
CA MSE A 570 15.22 5.05 -12.08
C MSE A 570 15.20 5.60 -13.49
O MSE A 570 14.45 6.52 -13.79
CB MSE A 570 15.74 6.10 -11.10
CG MSE A 570 15.47 5.75 -9.65
SE MSE A 570 13.56 5.35 -9.31
CE MSE A 570 12.79 7.11 -9.61
N LEU A 571 16.01 5.02 -14.37
CA LEU A 571 16.09 5.46 -15.76
C LEU A 571 15.12 4.73 -16.68
N ARG A 572 14.67 3.54 -16.27
CA ARG A 572 13.78 2.76 -17.11
C ARG A 572 12.46 2.40 -16.46
N TYR A 573 12.35 2.68 -15.16
CA TYR A 573 11.16 2.33 -14.41
C TYR A 573 9.85 2.61 -15.13
N HIS A 574 9.78 3.76 -15.81
CA HIS A 574 8.56 4.19 -16.49
C HIS A 574 8.17 3.43 -17.75
N THR A 575 9.05 2.54 -18.21
CA THR A 575 8.76 1.76 -19.40
C THR A 575 7.98 0.50 -19.06
N PHE A 576 7.81 0.21 -17.78
CA PHE A 576 7.11 -1.01 -17.36
C PHE A 576 5.67 -0.80 -16.86
N THR A 577 4.88 -1.87 -16.91
CA THR A 577 3.49 -1.86 -16.48
C THR A 577 2.88 -0.47 -16.42
N ALA A 578 2.57 0.03 -15.23
CA ALA A 578 2.00 1.36 -15.09
C ALA A 578 2.93 2.25 -14.26
N GLY A 579 4.23 2.06 -14.48
CA GLY A 579 5.23 2.87 -13.80
C GLY A 579 5.08 4.33 -14.17
N THR A 580 4.78 4.61 -15.43
CA THR A 580 4.60 5.99 -15.88
C THR A 580 3.64 6.71 -14.96
N GLY A 581 2.76 5.96 -14.33
CA GLY A 581 1.80 6.55 -13.42
C GLY A 581 2.49 7.19 -12.23
N TRP A 582 3.81 7.04 -12.11
CA TRP A 582 4.53 7.64 -10.98
C TRP A 582 5.38 8.84 -11.38
N ALA A 583 5.23 9.29 -12.63
CA ALA A 583 5.97 10.43 -13.14
C ALA A 583 5.82 11.70 -12.30
N TYR A 584 4.64 11.87 -11.71
CA TYR A 584 4.35 13.05 -10.89
C TYR A 584 5.35 13.11 -9.73
N ASP A 585 5.65 11.95 -9.15
CA ASP A 585 6.58 11.86 -8.03
C ASP A 585 8.06 11.74 -8.42
N TYR A 586 8.37 11.00 -9.48
CA TYR A 586 9.77 10.80 -9.84
C TYR A 586 10.31 11.55 -11.05
N GLY A 587 9.43 11.85 -12.01
CA GLY A 587 9.87 12.50 -13.23
C GLY A 587 10.50 11.39 -14.03
N THR A 588 10.71 11.56 -15.33
CA THR A 588 11.32 10.47 -16.10
C THR A 588 12.60 10.89 -16.82
N SER A 589 13.39 9.90 -17.22
CA SER A 589 14.65 10.15 -17.92
C SER A 589 14.45 10.76 -19.32
N ALA A 590 13.19 10.81 -19.76
CA ALA A 590 12.89 11.38 -21.08
C ALA A 590 12.29 12.77 -20.97
N ASP A 591 12.20 13.31 -19.75
CA ASP A 591 11.63 14.64 -19.53
C ASP A 591 12.51 15.79 -20.02
N SER A 592 13.79 15.70 -19.67
CA SER A 592 14.75 16.73 -20.02
C SER A 592 16.09 16.26 -19.52
N GLU A 593 17.17 16.87 -19.99
CA GLU A 593 18.51 16.48 -19.57
C GLU A 593 18.70 16.75 -18.07
N ALA A 594 18.02 17.76 -17.56
CA ALA A 594 18.14 18.11 -16.14
C ALA A 594 17.50 17.04 -15.27
N MSE A 595 16.35 16.53 -15.71
CA MSE A 595 15.64 15.48 -14.98
C MSE A 595 16.45 14.20 -15.10
O MSE A 595 16.67 13.50 -14.11
CB MSE A 595 14.24 15.30 -15.58
CG MSE A 595 13.27 14.47 -14.74
SE MSE A 595 12.80 15.31 -13.04
CE MSE A 595 14.04 14.37 -11.86
N PHE A 596 16.89 13.89 -16.32
CA PHE A 596 17.73 12.70 -16.54
C PHE A 596 18.91 12.72 -15.60
N ASP A 597 19.65 13.83 -15.59
CA ASP A 597 20.82 13.95 -14.73
C ASP A 597 20.49 13.72 -13.26
N TYR A 598 19.41 14.35 -12.78
CA TYR A 598 18.99 14.21 -11.39
C TYR A 598 18.70 12.75 -11.07
N LEU A 599 17.95 12.07 -11.96
CA LEU A 599 17.61 10.66 -11.74
C LEU A 599 18.87 9.80 -11.77
N LYS A 600 19.74 10.04 -12.75
CA LYS A 600 20.96 9.27 -12.85
C LYS A 600 21.81 9.50 -11.61
N GLY A 601 21.67 10.68 -11.03
CA GLY A 601 22.42 11.06 -9.84
C GLY A 601 22.11 10.31 -8.57
N TYR A 602 20.94 9.65 -8.50
CA TYR A 602 20.60 8.89 -7.31
C TYR A 602 20.10 7.50 -7.63
N SER A 603 19.79 7.23 -8.89
CA SER A 603 19.30 5.91 -9.27
C SER A 603 20.17 4.84 -8.63
N PRO A 604 19.58 4.03 -7.72
CA PRO A 604 20.35 2.98 -7.05
C PRO A 604 21.18 2.09 -7.98
N LEU A 605 20.55 1.55 -9.01
CA LEU A 605 21.24 0.66 -9.93
C LEU A 605 22.46 1.30 -10.55
N HIS A 606 22.36 2.59 -10.84
CA HIS A 606 23.46 3.28 -11.48
C HIS A 606 24.44 3.96 -10.54
N ASN A 607 24.32 3.68 -9.25
CA ASN A 607 25.21 4.28 -8.28
C ASN A 607 25.91 3.26 -7.41
N VAL A 608 25.88 2.01 -7.87
CA VAL A 608 26.58 0.95 -7.18
C VAL A 608 27.94 1.09 -7.84
N ARG A 609 29.00 1.08 -7.04
CA ARG A 609 30.33 1.26 -7.60
C ARG A 609 31.32 0.16 -7.25
N PRO A 610 32.07 -0.34 -8.25
CA PRO A 610 33.08 -1.38 -8.03
C PRO A 610 34.03 -0.92 -6.93
N GLY A 611 34.43 -1.84 -6.05
CA GLY A 611 35.35 -1.50 -5.00
C GLY A 611 34.77 -0.99 -3.70
N VAL A 612 33.48 -0.64 -3.70
CA VAL A 612 32.84 -0.14 -2.48
C VAL A 612 32.37 -1.28 -1.57
N SER A 613 32.53 -1.11 -0.26
CA SER A 613 32.09 -2.14 0.68
C SER A 613 30.66 -1.80 1.14
N TYR A 614 29.67 -2.51 0.61
CA TYR A 614 28.28 -2.27 0.96
C TYR A 614 27.86 -3.09 2.17
N PRO A 615 26.77 -2.69 2.84
CA PRO A 615 26.36 -3.48 4.01
C PRO A 615 25.85 -4.85 3.54
N SER A 616 25.54 -5.71 4.50
CA SER A 616 24.97 -7.01 4.16
C SER A 616 23.57 -6.64 3.67
N THR A 617 23.16 -7.19 2.54
CA THR A 617 21.87 -6.84 1.97
C THR A 617 21.00 -8.01 1.58
N MSE A 618 19.70 -7.87 1.80
CA MSE A 618 18.78 -8.89 1.38
C MSE A 618 17.68 -8.22 0.60
O MSE A 618 16.72 -7.65 1.15
CB MSE A 618 18.19 -9.71 2.53
CG MSE A 618 17.35 -10.86 1.97
SE MSE A 618 16.84 -12.27 3.19
CE MSE A 618 18.50 -13.30 3.05
N VAL A 619 17.86 -8.24 -0.72
CA VAL A 619 16.93 -7.68 -1.65
C VAL A 619 15.80 -8.70 -1.71
N THR A 620 14.58 -8.24 -1.56
CA THR A 620 13.43 -9.12 -1.63
C THR A 620 12.47 -8.67 -2.74
N THR A 621 11.92 -9.63 -3.46
CA THR A 621 10.97 -9.35 -4.51
C THR A 621 10.09 -10.58 -4.72
N ALA A 622 9.31 -10.60 -5.79
CA ALA A 622 8.40 -11.71 -6.05
C ALA A 622 8.24 -11.89 -7.56
N ASP A 623 8.04 -13.12 -8.01
CA ASP A 623 7.92 -13.37 -9.44
C ASP A 623 6.66 -12.83 -10.14
N HIS A 624 5.63 -12.46 -9.37
CA HIS A 624 4.38 -11.94 -9.95
C HIS A 624 4.09 -10.50 -9.58
N ASP A 625 5.14 -9.77 -9.21
CA ASP A 625 4.98 -8.36 -8.85
C ASP A 625 4.89 -7.57 -10.16
N ASP A 626 3.68 -7.14 -10.50
CA ASP A 626 3.46 -6.39 -11.73
C ASP A 626 3.21 -4.93 -11.43
N ARG A 627 3.44 -4.54 -10.18
CA ARG A 627 3.32 -3.15 -9.75
C ARG A 627 4.72 -2.65 -10.06
N VAL A 628 5.71 -3.29 -9.42
CA VAL A 628 7.14 -3.00 -9.59
C VAL A 628 7.81 -4.26 -10.15
N VAL A 629 7.93 -4.37 -11.47
CA VAL A 629 8.52 -5.56 -12.06
C VAL A 629 9.77 -6.01 -11.32
N PRO A 630 9.93 -7.34 -11.16
CA PRO A 630 11.06 -7.96 -10.48
C PRO A 630 12.43 -7.54 -11.02
N ALA A 631 12.51 -7.28 -12.32
CA ALA A 631 13.74 -6.89 -12.98
C ALA A 631 14.52 -5.80 -12.24
N HIS A 632 13.81 -4.95 -11.52
CA HIS A 632 14.47 -3.89 -10.77
C HIS A 632 15.43 -4.50 -9.75
N SER A 633 14.91 -5.43 -8.96
CA SER A 633 15.72 -6.11 -7.95
C SER A 633 16.76 -7.07 -8.55
N PHE A 634 16.44 -7.71 -9.67
CA PHE A 634 17.36 -8.65 -10.29
C PHE A 634 18.63 -7.92 -10.69
N LYS A 635 18.44 -6.81 -11.39
CA LYS A 635 19.56 -6.02 -11.84
C LYS A 635 20.33 -5.39 -10.70
N PHE A 636 19.62 -4.88 -9.69
CA PHE A 636 20.29 -4.26 -8.56
C PHE A 636 21.15 -5.31 -7.86
N ALA A 637 20.57 -6.48 -7.61
CA ALA A 637 21.28 -7.57 -6.95
C ALA A 637 22.48 -8.08 -7.75
N ALA A 638 22.33 -8.22 -9.08
CA ALA A 638 23.43 -8.69 -9.90
C ALA A 638 24.58 -7.67 -9.84
N THR A 639 24.24 -6.38 -9.84
CA THR A 639 25.24 -5.33 -9.80
C THR A 639 25.99 -5.34 -8.47
N LEU A 640 25.27 -5.51 -7.36
CA LEU A 640 25.91 -5.56 -6.05
C LEU A 640 26.84 -6.78 -5.96
N GLN A 641 26.36 -7.94 -6.40
CA GLN A 641 27.18 -9.13 -6.34
C GLN A 641 28.40 -8.93 -7.21
N ALA A 642 28.23 -8.10 -8.23
CA ALA A 642 29.32 -7.79 -9.16
C ALA A 642 30.33 -6.79 -8.58
N ASP A 643 29.82 -5.70 -8.02
CA ASP A 643 30.65 -4.61 -7.48
C ASP A 643 31.07 -4.62 -6.02
N ASN A 644 30.38 -5.34 -5.15
CA ASN A 644 30.77 -5.32 -3.74
C ASN A 644 32.20 -5.82 -3.50
N ALA A 645 32.92 -5.18 -2.59
CA ALA A 645 34.30 -5.58 -2.30
C ALA A 645 34.50 -6.12 -0.89
N GLY A 646 33.75 -5.60 0.08
CA GLY A 646 33.90 -6.06 1.45
C GLY A 646 33.44 -7.49 1.67
N PRO A 647 33.37 -7.92 2.94
CA PRO A 647 32.95 -9.26 3.30
C PRO A 647 31.44 -9.51 3.37
N HIS A 648 30.63 -8.46 3.33
CA HIS A 648 29.19 -8.62 3.47
C HIS A 648 28.43 -9.22 2.28
N PRO A 649 27.55 -10.20 2.55
CA PRO A 649 26.76 -10.85 1.50
C PRO A 649 25.75 -9.92 0.83
N GLN A 650 25.57 -10.12 -0.47
CA GLN A 650 24.63 -9.35 -1.25
C GLN A 650 23.70 -10.40 -1.81
N LEU A 651 22.56 -10.57 -1.16
CA LEU A 651 21.61 -11.59 -1.57
C LEU A 651 20.26 -11.07 -2.04
N ILE A 652 19.54 -11.93 -2.73
CA ILE A 652 18.20 -11.60 -3.20
C ILE A 652 17.29 -12.80 -2.97
N ARG A 653 16.12 -12.53 -2.41
CA ARG A 653 15.14 -13.56 -2.10
C ARG A 653 13.91 -13.31 -2.97
N ILE A 654 13.72 -14.18 -3.95
CA ILE A 654 12.59 -14.08 -4.86
C ILE A 654 11.43 -14.98 -4.42
N GLU A 655 10.36 -14.37 -3.94
CA GLU A 655 9.20 -15.14 -3.50
C GLU A 655 8.48 -15.73 -4.71
N THR A 656 8.02 -16.97 -4.59
CA THR A 656 7.32 -17.62 -5.69
C THR A 656 5.80 -17.53 -5.53
N ASN A 657 5.09 -17.43 -6.66
CA ASN A 657 3.65 -17.32 -6.68
C ASN A 657 3.12 -16.24 -5.75
N ALA A 658 3.80 -15.10 -5.75
CA ALA A 658 3.41 -13.97 -4.93
C ALA A 658 3.66 -12.70 -5.73
N GLY A 659 2.97 -11.63 -5.36
CA GLY A 659 3.13 -10.37 -6.08
C GLY A 659 3.68 -9.25 -5.21
N HIS A 660 3.26 -8.02 -5.51
CA HIS A 660 3.74 -6.86 -4.79
C HIS A 660 3.55 -6.93 -3.28
N GLY A 661 2.48 -7.57 -2.82
CA GLY A 661 2.30 -7.67 -1.39
C GLY A 661 0.91 -8.02 -0.93
N ALA A 662 -0.05 -7.14 -1.20
CA ALA A 662 -1.42 -7.39 -0.77
C ALA A 662 -1.93 -8.77 -1.15
N GLY A 663 -2.51 -9.47 -0.19
CA GLY A 663 -3.05 -10.79 -0.48
C GLY A 663 -2.06 -11.92 -0.36
N THR A 664 -0.89 -11.64 0.19
CA THR A 664 0.11 -12.70 0.36
C THR A 664 -0.36 -13.62 1.48
N PRO A 665 -0.27 -14.94 1.29
CA PRO A 665 -0.67 -15.96 2.27
C PRO A 665 0.08 -15.79 3.58
N VAL A 666 -0.57 -16.07 4.71
CA VAL A 666 0.08 -15.94 6.02
C VAL A 666 1.33 -16.82 6.10
N ALA A 667 1.29 -18.00 5.49
CA ALA A 667 2.44 -18.92 5.52
C ALA A 667 3.66 -18.28 4.87
N LYS A 668 3.44 -17.51 3.82
CA LYS A 668 4.54 -16.84 3.13
C LYS A 668 5.02 -15.63 3.92
N LEU A 669 4.10 -14.89 4.53
CA LEU A 669 4.50 -13.73 5.32
C LEU A 669 5.38 -14.24 6.48
N ILE A 670 4.96 -15.32 7.11
CA ILE A 670 5.73 -15.85 8.22
C ILE A 670 7.15 -16.24 7.79
N GLU A 671 7.29 -16.98 6.68
CA GLU A 671 8.60 -17.40 6.19
C GLU A 671 9.46 -16.19 5.81
N GLN A 672 8.83 -15.18 5.22
CA GLN A 672 9.52 -13.96 4.82
C GLN A 672 10.15 -13.27 6.03
N SER A 673 9.33 -12.94 7.03
CA SER A 673 9.84 -12.28 8.23
C SER A 673 10.91 -13.13 8.92
N ALA A 674 10.67 -14.44 8.98
CA ALA A 674 11.63 -15.34 9.62
C ALA A 674 12.99 -15.23 8.93
N ASP A 675 12.96 -15.22 7.61
CA ASP A 675 14.20 -15.10 6.84
C ASP A 675 14.87 -13.74 7.09
N ILE A 676 14.09 -12.66 7.02
CA ILE A 676 14.62 -11.34 7.22
C ILE A 676 15.16 -11.12 8.65
N TYR A 677 14.42 -11.52 9.67
CA TYR A 677 14.88 -11.34 11.05
C TYR A 677 16.12 -12.18 11.35
N ALA A 678 16.19 -13.38 10.78
CA ALA A 678 17.35 -14.26 10.98
C ALA A 678 18.59 -13.63 10.32
N PHE A 679 18.48 -13.32 9.04
CA PHE A 679 19.55 -12.69 8.27
C PHE A 679 20.08 -11.45 9.02
N THR A 680 19.18 -10.56 9.43
CA THR A 680 19.54 -9.33 10.11
C THR A 680 20.34 -9.49 11.41
N LEU A 681 19.86 -10.30 12.33
CA LEU A 681 20.55 -10.54 13.59
C LEU A 681 21.89 -11.25 13.33
N TYR A 682 21.88 -12.18 12.38
CA TYR A 682 23.11 -12.91 12.05
C TYR A 682 24.16 -11.99 11.45
N GLU A 683 23.72 -11.03 10.65
CA GLU A 683 24.65 -10.11 10.03
C GLU A 683 25.13 -9.05 11.02
N MSE A 684 24.46 -8.95 12.16
CA MSE A 684 24.85 -8.01 13.20
C MSE A 684 25.76 -8.74 14.16
O MSE A 684 26.16 -8.20 15.21
CB MSE A 684 23.62 -7.47 13.95
CG MSE A 684 22.85 -6.44 13.20
SE MSE A 684 21.27 -5.95 14.21
CE MSE A 684 20.61 -4.47 13.14
N GLY A 685 26.08 -9.99 13.83
CA GLY A 685 26.98 -10.77 14.65
C GLY A 685 26.40 -11.64 15.75
N TYR A 686 25.08 -11.68 15.87
CA TYR A 686 24.46 -12.52 16.91
C TYR A 686 24.64 -14.00 16.56
N ARG A 687 25.08 -14.78 17.55
CA ARG A 687 25.26 -16.21 17.35
C ARG A 687 24.17 -16.96 18.10
N GLU A 688 23.46 -16.23 18.94
CA GLU A 688 22.36 -16.77 19.73
C GLU A 688 21.34 -15.64 19.77
N LEU A 689 20.07 -15.96 19.94
CA LEU A 689 19.06 -14.90 19.98
C LEU A 689 19.39 -13.88 21.06
N PRO A 690 19.17 -12.59 20.78
CA PRO A 690 19.45 -11.51 21.72
C PRO A 690 18.92 -11.80 23.12
N ARG A 691 19.65 -11.34 24.14
CA ARG A 691 19.25 -11.54 25.52
C ARG A 691 20.45 -11.50 26.45
O17 ZPR B . -1.23 2.72 -7.68
C15 ZPR B . 0.07 2.97 -7.49
O16 ZPR B . 0.88 2.65 -8.34
N14 ZPR B . 0.49 3.58 -6.34
C10 ZPR B . 1.89 3.95 -5.97
C8 ZPR B . 2.81 2.74 -5.87
O9 ZPR B . 2.33 1.65 -5.62
C11 ZPR B . 1.82 4.63 -4.58
C12 ZPR B . 0.51 4.08 -3.97
C13 ZPR B . -0.40 4.02 -5.23
C4 ZPR B . 6.35 2.22 -6.79
C5 ZPR B . 6.38 3.74 -6.50
C1 ZPR B . 5.59 1.44 -4.52
O2 ZPR B . 5.30 2.18 -3.60
N7 ZPR B . 4.16 2.84 -6.06
C6 ZPR B . 4.89 4.09 -6.38
C3 ZPR B . 5.15 1.73 -5.97
C20 ZPR C . 5.73 -1.42 1.18
C21 ZPR C . 4.85 -1.10 0.12
C22 ZPR C . 4.51 -2.07 -0.85
C23 ZPR C . 5.05 -3.37 -0.77
C24 ZPR C . 5.94 -3.70 0.28
C19 ZPR C . 6.28 -2.74 1.25
C18 ZPR C . 7.23 -3.08 2.36
O17 ZPR C . 6.52 -3.17 3.62
C15 ZPR C . 7.19 -3.46 4.78
O16 ZPR C . 8.40 -3.64 4.74
N14 ZPR C . 6.51 -3.56 5.98
C10 ZPR C . 7.10 -3.87 7.31
C8 ZPR C . 7.86 -5.19 7.26
O9 ZPR C . 7.50 -6.04 6.47
C11 ZPR C . 5.96 -3.88 8.35
C12 ZPR C . 4.70 -4.14 7.46
C13 ZPR C . 5.06 -3.37 6.16
C4 ZPR C . 11.08 -6.38 8.87
C5 ZPR C . 10.73 -5.15 9.75
C1 ZPR C . 9.02 -7.86 8.59
O2 ZPR C . 8.83 -8.81 7.85
N7 ZPR C . 8.96 -5.42 8.07
C6 ZPR C . 9.51 -4.49 9.06
C3 ZPR C . 9.78 -6.67 8.06
#